data_6PHB
#
_entry.id   6PHB
#
_cell.length_a   114.599
_cell.length_b   114.599
_cell.length_c   98.181
_cell.angle_alpha   90.00
_cell.angle_beta   90.00
_cell.angle_gamma   120.00
#
_symmetry.space_group_name_H-M   'P 31'
#
loop_
_entity.id
_entity.type
_entity.pdbx_description
1 polymer '25 kDa ookinete surface antigen'
2 polymer '2530 Antibody Fab, Light Chain'
3 polymer '2530 Antibody Fab, Heavy Chain'
4 non-polymer 1,2-ETHANEDIOL
5 water water
#
loop_
_entity_poly.entity_id
_entity_poly.type
_entity_poly.pdbx_seq_one_letter_code
_entity_poly.pdbx_strand_id
1 'polypeptide(L)'
;ETGAKVTVDTVCKRGFLIQMSGHLECKCENDLVLVNEETCEEKVLKCDEKTVNKPCGDFSKCIKIDGNPVSYACKCNLGY
DMVNNVCIPNECKQVTCGNGKCILDTSNPVKTGVCSCNIGKVPNVQDQNKCSKDGETKCSLKCLKEQETCKAVDGIYKCD
CKDGFIIDQESSICTGTKHHHHHH
;
I,E
2 'polypeptide(L)'
;DIQMTQSPSSLSASVGDRVTITCQASQDISNFLNWYQQKPGKAPKLLIYDASNLETGVPSRFSGSGSGTDFTFTISSLQP
EDIATYYCQQYDNLRIFTFGPGTKVDIKRTVAAPSVFIFPPSDEQLKSGTASVVCLLNNFYPREAKVQWKVDNALQSGNS
QESVTEQDSKDSTYSLSSTLTLSKADYEKHKVYACEVTHQGLSSPVTKSFNRGEC
;
C,A
3 'polypeptide(L)'
;QVQLQESGPGLVKPSETLSLTCTVSGDSMSSYYWSWIRQPAGKGLEWIGRISTSGSTNYNPSLKSRVTMSVDTSNNHFSM
RLNSVTAADTAVYYCACSGSYSFFDYWGQGTLVTVSSASTKGPSVFPLAPSSKSTSGGTAALGCLVKDYFPEPVTVSWNS
GALTSGVHTFPAVLQSSGLYSLSSVVTVPSSSLGTQTYICNVNHKPSNTKVDKKVEPKSC
;
D,B
#
# COMPACT_ATOMS: atom_id res chain seq x y z
N GLU A 1 -15.22 39.19 -12.64
CA GLU A 1 -14.10 38.48 -13.25
C GLU A 1 -12.83 38.64 -12.44
N THR A 2 -11.99 37.60 -12.46
CA THR A 2 -10.66 37.69 -11.88
C THR A 2 -9.63 38.24 -12.86
N GLY A 3 -9.86 38.03 -14.16
CA GLY A 3 -9.01 38.60 -15.19
C GLY A 3 -9.70 39.73 -15.93
N ALA A 4 -9.51 39.79 -17.25
CA ALA A 4 -10.15 40.82 -18.06
C ALA A 4 -11.66 40.61 -18.08
N LYS A 5 -12.39 41.72 -18.16
CA LYS A 5 -13.85 41.67 -18.20
C LYS A 5 -14.33 40.92 -19.43
N VAL A 6 -15.20 39.94 -19.21
CA VAL A 6 -15.81 39.20 -20.32
C VAL A 6 -16.91 40.06 -20.94
N THR A 7 -16.88 40.16 -22.27
CA THR A 7 -17.82 41.00 -23.01
C THR A 7 -18.52 40.16 -24.08
N VAL A 8 -19.43 40.80 -24.81
CA VAL A 8 -20.13 40.12 -25.89
C VAL A 8 -19.19 39.76 -27.04
N ASP A 9 -18.02 40.38 -27.10
CA ASP A 9 -17.03 40.09 -28.11
C ASP A 9 -16.05 38.99 -27.67
N THR A 10 -16.18 38.51 -26.44
CA THR A 10 -15.30 37.47 -25.94
C THR A 10 -15.62 36.13 -26.62
N VAL A 11 -14.57 35.42 -27.01
CA VAL A 11 -14.70 34.08 -27.57
C VAL A 11 -14.44 33.08 -26.46
N CYS A 12 -15.45 32.25 -26.17
CA CYS A 12 -15.30 31.17 -25.20
C CYS A 12 -14.84 29.93 -25.94
N LYS A 13 -13.57 29.58 -25.78
CA LYS A 13 -13.01 28.43 -26.48
C LYS A 13 -13.63 27.15 -25.93
N ARG A 14 -14.31 26.40 -26.79
CA ARG A 14 -15.09 25.23 -26.40
C ARG A 14 -16.13 25.58 -25.34
N GLY A 15 -16.68 26.79 -25.44
CA GLY A 15 -17.72 27.24 -24.53
C GLY A 15 -18.69 28.21 -25.16
N PHE A 16 -19.54 28.82 -24.35
CA PHE A 16 -20.50 29.81 -24.85
C PHE A 16 -20.75 30.84 -23.77
N LEU A 17 -21.15 32.04 -24.18
CA LEU A 17 -21.39 33.13 -23.26
C LEU A 17 -22.74 32.96 -22.56
N ILE A 18 -22.78 33.32 -21.28
CA ILE A 18 -24.02 33.43 -20.53
C ILE A 18 -24.02 34.77 -19.81
N GLN A 19 -25.21 35.25 -19.48
CA GLN A 19 -25.38 36.54 -18.84
C GLN A 19 -26.19 36.40 -17.56
N MET A 20 -25.74 37.07 -16.52
CA MET A 20 -26.51 37.26 -15.30
C MET A 20 -26.72 38.77 -15.10
N SER A 21 -27.28 39.14 -13.96
CA SER A 21 -27.71 40.52 -13.76
C SER A 21 -26.54 41.49 -13.79
N GLY A 22 -25.33 41.03 -13.47
CA GLY A 22 -24.22 41.95 -13.38
C GLY A 22 -22.94 41.61 -14.13
N HIS A 23 -22.93 40.53 -14.92
CA HIS A 23 -21.71 40.16 -15.62
C HIS A 23 -22.01 39.14 -16.71
N LEU A 24 -21.01 38.92 -17.56
CA LEU A 24 -20.97 37.84 -18.53
C LEU A 24 -19.87 36.86 -18.14
N GLU A 25 -20.08 35.58 -18.44
CA GLU A 25 -19.04 34.58 -18.22
C GLU A 25 -19.18 33.47 -19.24
N CYS A 26 -18.12 32.68 -19.37
CA CYS A 26 -18.11 31.55 -20.28
C CYS A 26 -18.58 30.28 -19.57
N LYS A 27 -19.44 29.52 -20.25
CA LYS A 27 -19.86 28.21 -19.79
C LYS A 27 -19.39 27.16 -20.78
N CYS A 28 -18.96 26.01 -20.28
CA CYS A 28 -18.28 25.02 -21.10
C CYS A 28 -19.25 24.15 -21.88
N GLU A 29 -18.79 23.68 -23.03
CA GLU A 29 -19.52 22.67 -23.78
C GLU A 29 -19.48 21.34 -23.04
N ASN A 30 -20.58 20.59 -23.14
CA ASN A 30 -20.74 19.26 -22.54
C ASN A 30 -20.10 19.15 -21.16
N ASP A 31 -19.14 18.24 -20.99
CA ASP A 31 -18.55 17.95 -19.69
C ASP A 31 -17.17 18.57 -19.51
N LEU A 32 -16.82 19.58 -20.29
CA LEU A 32 -15.52 20.22 -20.15
C LEU A 32 -15.50 21.13 -18.92
N VAL A 33 -14.28 21.50 -18.51
CA VAL A 33 -14.08 22.34 -17.34
C VAL A 33 -13.27 23.57 -17.73
N LEU A 34 -13.51 24.67 -17.02
CA LEU A 34 -12.79 25.91 -17.26
C LEU A 34 -11.35 25.80 -16.75
N VAL A 35 -10.39 26.07 -17.62
CA VAL A 35 -9.00 26.24 -17.20
C VAL A 35 -8.66 27.72 -17.02
N ASN A 36 -9.41 28.62 -17.65
CA ASN A 36 -9.42 30.03 -17.32
C ASN A 36 -10.80 30.57 -17.69
N GLU A 37 -10.98 31.89 -17.59
CA GLU A 37 -12.30 32.46 -17.80
C GLU A 37 -12.77 32.38 -19.25
N GLU A 38 -11.89 32.00 -20.19
CA GLU A 38 -12.27 31.94 -21.60
C GLU A 38 -11.91 30.62 -22.27
N THR A 39 -11.55 29.58 -21.51
CA THR A 39 -11.05 28.35 -22.10
C THR A 39 -11.59 27.14 -21.35
N CYS A 40 -12.14 26.18 -22.10
CA CYS A 40 -12.63 24.92 -21.55
C CYS A 40 -11.81 23.77 -22.11
N GLU A 41 -11.52 22.80 -21.25
CA GLU A 41 -10.77 21.61 -21.63
C GLU A 41 -11.33 20.39 -20.91
N GLU A 42 -10.88 19.21 -21.34
CA GLU A 42 -11.21 17.99 -20.62
C GLU A 42 -10.48 17.94 -19.29
N LYS A 43 -11.14 17.34 -18.29
CA LYS A 43 -10.56 17.21 -16.97
C LYS A 43 -10.11 15.77 -16.73
N VAL A 44 -9.07 15.63 -15.91
CA VAL A 44 -8.71 14.32 -15.39
C VAL A 44 -9.59 14.01 -14.17
N LEU A 45 -9.70 12.73 -13.85
CA LEU A 45 -10.56 12.28 -12.77
C LEU A 45 -9.79 11.84 -11.52
N LYS A 46 -8.46 11.75 -11.59
CA LYS A 46 -7.64 11.39 -10.44
C LYS A 46 -6.35 12.20 -10.49
N CYS A 47 -5.98 12.78 -9.36
CA CYS A 47 -4.76 13.57 -9.25
C CYS A 47 -3.64 12.70 -8.69
N ASP A 48 -2.55 12.56 -9.45
CA ASP A 48 -1.36 11.86 -9.01
C ASP A 48 -0.18 12.36 -9.83
N GLU A 49 0.96 11.67 -9.71
CA GLU A 49 2.17 12.08 -10.40
C GLU A 49 1.97 12.18 -11.90
N LYS A 50 1.15 11.30 -12.47
CA LYS A 50 0.96 11.26 -13.92
C LYS A 50 0.11 12.42 -14.42
N THR A 51 -0.83 12.91 -13.60
CA THR A 51 -1.77 13.95 -14.02
C THR A 51 -1.50 15.28 -13.35
N VAL A 52 -0.28 15.49 -12.82
CA VAL A 52 0.04 16.74 -12.17
C VAL A 52 -0.09 17.90 -13.15
N ASN A 53 -0.63 19.01 -12.68
CA ASN A 53 -0.87 20.25 -13.42
C ASN A 53 -1.95 20.10 -14.48
N LYS A 54 -2.62 18.95 -14.58
CA LYS A 54 -3.74 18.80 -15.49
C LYS A 54 -5.02 19.36 -14.85
N PRO A 55 -5.95 19.85 -15.66
CA PRO A 55 -7.22 20.35 -15.10
C PRO A 55 -8.01 19.22 -14.46
N CYS A 56 -8.54 19.47 -13.27
CA CYS A 56 -9.40 18.54 -12.57
C CYS A 56 -10.77 19.11 -12.26
N GLY A 57 -11.04 20.34 -12.69
CA GLY A 57 -12.31 20.99 -12.42
C GLY A 57 -12.22 22.44 -12.83
N ASP A 58 -13.34 23.14 -12.64
CA ASP A 58 -13.38 24.56 -12.95
C ASP A 58 -12.39 25.32 -12.09
N PHE A 59 -11.39 25.93 -12.75
CA PHE A 59 -10.37 26.74 -12.08
C PHE A 59 -9.56 25.93 -11.08
N SER A 60 -9.34 24.65 -11.35
CA SER A 60 -8.54 23.81 -10.47
C SER A 60 -7.66 22.87 -11.28
N LYS A 61 -6.50 22.55 -10.73
CA LYS A 61 -5.55 21.62 -11.33
C LYS A 61 -5.06 20.64 -10.27
N CYS A 62 -4.54 19.51 -10.74
CA CYS A 62 -3.83 18.59 -9.86
C CYS A 62 -2.49 19.19 -9.47
N ILE A 63 -2.30 19.43 -8.18
CA ILE A 63 -1.12 20.13 -7.67
C ILE A 63 -0.35 19.20 -6.74
N LYS A 64 0.97 19.20 -6.89
CA LYS A 64 1.83 18.44 -5.99
C LYS A 64 1.81 19.05 -4.59
N ILE A 65 1.51 18.23 -3.59
CA ILE A 65 1.46 18.66 -2.20
C ILE A 65 2.72 18.18 -1.50
N ASP A 66 3.45 19.10 -0.89
CA ASP A 66 4.75 18.82 -0.29
C ASP A 66 4.56 18.35 1.16
N GLY A 67 3.94 17.17 1.29
CA GLY A 67 3.63 16.60 2.58
C GLY A 67 4.59 15.50 2.99
N ASN A 68 4.18 14.75 4.02
CA ASN A 68 4.99 13.74 4.68
C ASN A 68 5.60 12.77 3.65
N PRO A 69 4.79 11.95 2.92
CA PRO A 69 5.22 11.63 1.55
C PRO A 69 4.52 12.56 0.58
N VAL A 70 5.09 12.76 -0.61
CA VAL A 70 4.47 13.66 -1.58
C VAL A 70 3.10 13.11 -1.99
N SER A 71 2.11 13.98 -2.06
CA SER A 71 0.78 13.63 -2.51
C SER A 71 0.32 14.62 -3.57
N TYR A 72 -0.88 14.41 -4.09
CA TYR A 72 -1.44 15.24 -5.15
C TYR A 72 -2.92 15.45 -4.88
N ALA A 73 -3.39 16.68 -5.09
CA ALA A 73 -4.78 17.01 -4.82
C ALA A 73 -5.28 18.00 -5.85
N CYS A 74 -6.58 17.91 -6.14
CA CYS A 74 -7.23 18.91 -6.99
C CYS A 74 -7.32 20.22 -6.21
N LYS A 75 -6.57 21.22 -6.65
CA LYS A 75 -6.42 22.47 -5.91
C LYS A 75 -6.78 23.64 -6.82
N CYS A 76 -7.48 24.63 -6.25
CA CYS A 76 -7.94 25.76 -7.04
C CYS A 76 -6.77 26.60 -7.54
N ASN A 77 -6.94 27.16 -8.74
CA ASN A 77 -5.95 28.03 -9.33
C ASN A 77 -5.69 29.25 -8.44
N LEU A 78 -4.60 29.95 -8.75
CA LEU A 78 -4.28 31.21 -8.08
C LEU A 78 -5.48 32.15 -8.14
N GLY A 79 -5.85 32.69 -6.97
CA GLY A 79 -6.99 33.57 -6.87
C GLY A 79 -8.30 32.91 -6.48
N TYR A 80 -8.33 31.58 -6.36
CA TYR A 80 -9.56 30.86 -6.07
C TYR A 80 -9.36 29.98 -4.84
N ASP A 81 -10.49 29.67 -4.18
CA ASP A 81 -10.52 28.82 -3.00
C ASP A 81 -11.68 27.86 -3.08
N MET A 82 -11.50 26.68 -2.49
CA MET A 82 -12.56 25.68 -2.45
C MET A 82 -13.64 26.11 -1.47
N VAL A 83 -14.87 26.25 -1.97
CA VAL A 83 -16.05 26.50 -1.13
C VAL A 83 -17.16 25.59 -1.64
N ASN A 84 -17.65 24.71 -0.77
CA ASN A 84 -18.62 23.68 -1.15
C ASN A 84 -18.12 22.87 -2.35
N ASN A 85 -16.82 22.55 -2.33
CA ASN A 85 -16.17 21.69 -3.31
C ASN A 85 -16.17 22.29 -4.72
N VAL A 86 -16.27 23.60 -4.84
CA VAL A 86 -16.10 24.29 -6.12
C VAL A 86 -15.21 25.50 -5.91
N CYS A 87 -14.46 25.87 -6.95
CA CYS A 87 -13.50 26.97 -6.87
C CYS A 87 -14.22 28.28 -7.16
N ILE A 88 -14.17 29.20 -6.20
CA ILE A 88 -14.74 30.53 -6.36
C ILE A 88 -13.67 31.55 -5.99
N PRO A 89 -13.81 32.80 -6.44
CA PRO A 89 -12.81 33.82 -6.08
C PRO A 89 -12.66 33.94 -4.57
N ASN A 90 -11.41 34.08 -4.13
CA ASN A 90 -11.10 34.18 -2.70
C ASN A 90 -11.94 35.25 -2.00
N GLU A 91 -12.03 36.44 -2.60
CA GLU A 91 -12.78 37.53 -1.99
C GLU A 91 -14.28 37.24 -1.93
N CYS A 92 -14.73 36.12 -2.49
CA CYS A 92 -16.10 35.65 -2.38
C CYS A 92 -16.29 34.60 -1.30
N LYS A 93 -15.22 34.26 -0.56
CA LYS A 93 -15.28 33.23 0.46
C LYS A 93 -16.49 33.39 1.37
N GLN A 94 -16.70 34.60 1.89
CA GLN A 94 -17.72 34.84 2.90
C GLN A 94 -18.98 35.51 2.33
N VAL A 95 -19.07 35.61 1.00
CA VAL A 95 -20.20 36.29 0.36
C VAL A 95 -21.28 35.27 0.03
N THR A 96 -22.50 35.57 0.48
CA THR A 96 -23.68 34.76 0.16
C THR A 96 -24.67 35.63 -0.60
N CYS A 97 -25.12 35.14 -1.76
CA CYS A 97 -25.94 35.93 -2.65
C CYS A 97 -27.35 35.40 -2.86
N GLY A 98 -27.62 34.14 -2.52
CA GLY A 98 -28.94 33.58 -2.72
C GLY A 98 -29.23 33.22 -4.16
N ASN A 99 -30.15 33.95 -4.79
CA ASN A 99 -30.52 33.70 -6.18
C ASN A 99 -29.50 34.32 -7.14
N GLY A 100 -28.25 33.89 -6.97
CA GLY A 100 -27.17 34.41 -7.77
C GLY A 100 -25.83 33.89 -7.28
N LYS A 101 -24.77 34.55 -7.72
CA LYS A 101 -23.42 34.14 -7.38
C LYS A 101 -22.56 35.37 -7.15
N CYS A 102 -21.48 35.18 -6.40
CA CYS A 102 -20.53 36.25 -6.13
C CYS A 102 -19.47 36.32 -7.21
N ILE A 103 -19.15 37.54 -7.65
CA ILE A 103 -18.10 37.78 -8.62
C ILE A 103 -17.21 38.90 -8.09
N LEU A 104 -16.00 38.97 -8.64
CA LEU A 104 -15.12 40.09 -8.35
C LEU A 104 -15.57 41.32 -9.11
N ASP A 105 -15.48 42.47 -8.47
CA ASP A 105 -15.95 43.73 -9.04
C ASP A 105 -14.85 44.32 -9.91
N THR A 106 -15.01 44.22 -11.23
CA THR A 106 -14.00 44.70 -12.16
C THR A 106 -13.89 46.23 -12.18
N SER A 107 -14.83 46.94 -11.56
CA SER A 107 -14.77 48.39 -11.49
C SER A 107 -14.08 48.89 -10.23
N ASN A 108 -13.62 47.99 -9.36
CA ASN A 108 -13.03 48.35 -8.09
C ASN A 108 -11.57 47.92 -8.08
N PRO A 109 -10.61 48.84 -7.91
CA PRO A 109 -9.20 48.41 -7.83
C PRO A 109 -8.91 47.53 -6.63
N VAL A 110 -9.67 47.69 -5.55
CA VAL A 110 -9.57 46.77 -4.42
C VAL A 110 -10.39 45.53 -4.74
N LYS A 111 -9.78 44.35 -4.59
CA LYS A 111 -10.46 43.10 -4.91
C LYS A 111 -11.63 42.89 -3.95
N THR A 112 -12.83 42.87 -4.49
CA THR A 112 -14.05 42.86 -3.69
C THR A 112 -15.10 42.00 -4.37
N GLY A 113 -15.77 41.16 -3.59
CA GLY A 113 -16.84 40.35 -4.11
C GLY A 113 -18.17 41.08 -4.09
N VAL A 114 -18.91 40.95 -5.19
CA VAL A 114 -20.25 41.51 -5.32
C VAL A 114 -21.16 40.44 -5.91
N CYS A 115 -22.45 40.59 -5.65
CA CYS A 115 -23.43 39.62 -6.10
C CYS A 115 -23.90 39.95 -7.52
N SER A 116 -23.93 38.92 -8.36
CA SER A 116 -24.54 39.00 -9.69
C SER A 116 -25.66 37.97 -9.73
N CYS A 117 -26.85 38.41 -10.10
CA CYS A 117 -28.07 37.69 -9.79
C CYS A 117 -28.63 36.94 -10.99
N ASN A 118 -29.43 35.91 -10.69
CA ASN A 118 -30.21 35.24 -11.70
C ASN A 118 -31.09 36.24 -12.44
N ILE A 119 -31.35 35.95 -13.72
CA ILE A 119 -32.21 36.81 -14.51
C ILE A 119 -33.59 36.85 -13.88
N GLY A 120 -33.99 38.03 -13.40
CA GLY A 120 -35.22 38.16 -12.65
C GLY A 120 -34.98 38.87 -11.33
N LYS A 121 -33.78 38.74 -10.79
CA LYS A 121 -33.41 39.33 -9.51
C LYS A 121 -32.29 40.34 -9.69
N VAL A 122 -32.16 41.23 -8.71
CA VAL A 122 -31.09 42.23 -8.67
C VAL A 122 -30.59 42.37 -7.24
N PRO A 123 -29.37 42.89 -7.06
CA PRO A 123 -28.87 43.12 -5.70
C PRO A 123 -29.83 43.98 -4.88
N ASN A 124 -30.13 43.53 -3.67
CA ASN A 124 -31.11 44.17 -2.80
C ASN A 124 -30.36 44.94 -1.72
N VAL A 125 -30.29 46.27 -1.88
CA VAL A 125 -29.62 47.10 -0.89
C VAL A 125 -30.29 47.02 0.46
N GLN A 126 -31.58 46.66 0.49
CA GLN A 126 -32.27 46.46 1.76
C GLN A 126 -31.85 45.16 2.45
N ASP A 127 -31.26 44.22 1.70
CA ASP A 127 -30.96 42.88 2.19
C ASP A 127 -29.52 42.52 1.91
N GLN A 128 -28.59 43.39 2.33
CA GLN A 128 -27.15 43.14 2.25
C GLN A 128 -26.70 42.89 0.81
N ASN A 129 -27.36 43.51 -0.15
CA ASN A 129 -27.01 43.40 -1.57
C ASN A 129 -27.11 41.96 -2.07
N LYS A 130 -27.96 41.16 -1.43
CA LYS A 130 -28.22 39.81 -1.91
C LYS A 130 -29.29 39.84 -3.01
N CYS A 131 -29.43 38.70 -3.69
CA CYS A 131 -30.30 38.60 -4.85
C CYS A 131 -31.74 38.26 -4.44
N SER A 132 -32.33 39.16 -3.66
CA SER A 132 -33.69 38.98 -3.17
C SER A 132 -34.68 39.98 -3.73
N LYS A 133 -34.22 41.04 -4.40
CA LYS A 133 -35.11 42.02 -4.99
C LYS A 133 -35.39 41.65 -6.45
N ASP A 134 -36.66 41.69 -6.83
CA ASP A 134 -37.03 41.43 -8.21
C ASP A 134 -36.65 42.63 -9.09
N GLY A 135 -36.08 42.34 -10.25
CA GLY A 135 -35.61 43.40 -11.14
C GLY A 135 -35.23 42.88 -12.51
N GLU A 136 -35.38 43.73 -13.52
CA GLU A 136 -35.15 43.33 -14.90
C GLU A 136 -33.70 43.55 -15.30
N THR A 137 -33.22 42.72 -16.23
CA THR A 137 -31.89 42.86 -16.81
C THR A 137 -32.02 42.76 -18.33
N LYS A 138 -31.49 43.75 -19.02
CA LYS A 138 -31.49 43.73 -20.49
C LYS A 138 -30.38 42.82 -20.98
N CYS A 139 -30.73 41.90 -21.87
CA CYS A 139 -29.75 40.95 -22.39
C CYS A 139 -28.83 41.63 -23.40
N SER A 140 -27.53 41.37 -23.27
CA SER A 140 -26.52 41.96 -24.14
C SER A 140 -26.07 41.01 -25.25
N LEU A 141 -26.43 39.73 -25.17
CA LEU A 141 -25.93 38.74 -26.12
C LEU A 141 -26.44 39.02 -27.53
N LYS A 142 -25.58 38.82 -28.52
CA LYS A 142 -25.94 39.08 -29.91
C LYS A 142 -26.78 37.96 -30.48
N CYS A 143 -26.34 36.71 -30.32
CA CYS A 143 -27.03 35.51 -30.77
C CYS A 143 -27.27 35.56 -32.29
N LEU A 144 -26.15 35.47 -33.01
CA LEU A 144 -26.17 35.56 -34.46
C LEU A 144 -26.28 34.20 -35.15
N LYS A 145 -26.39 33.11 -34.39
CA LYS A 145 -26.49 31.79 -34.99
C LYS A 145 -27.89 31.58 -35.57
N GLU A 146 -28.00 30.56 -36.41
CA GLU A 146 -29.22 30.27 -37.16
C GLU A 146 -30.43 30.14 -36.24
N GLN A 147 -31.40 31.04 -36.42
CA GLN A 147 -32.67 31.00 -35.68
C GLN A 147 -32.45 30.97 -34.18
N GLU A 148 -31.53 31.80 -33.70
CA GLU A 148 -31.23 31.89 -32.27
C GLU A 148 -31.46 33.31 -31.77
N THR A 149 -31.80 33.40 -30.49
CA THR A 149 -32.02 34.68 -29.83
C THR A 149 -31.73 34.49 -28.34
N CYS A 150 -31.55 35.61 -27.65
CA CYS A 150 -31.26 35.53 -26.22
C CYS A 150 -32.51 35.11 -25.45
N LYS A 151 -32.41 34.00 -24.73
CA LYS A 151 -33.50 33.48 -23.93
C LYS A 151 -33.02 33.21 -22.51
N ALA A 152 -33.96 33.25 -21.57
CA ALA A 152 -33.66 32.96 -20.17
C ALA A 152 -33.87 31.47 -19.91
N VAL A 153 -32.81 30.79 -19.48
CA VAL A 153 -32.83 29.35 -19.25
C VAL A 153 -32.23 29.09 -17.87
N ASP A 154 -33.08 28.68 -16.93
CA ASP A 154 -32.64 28.30 -15.58
C ASP A 154 -31.88 29.42 -14.88
N GLY A 155 -32.41 30.64 -14.98
CA GLY A 155 -31.88 31.77 -14.25
C GLY A 155 -30.78 32.54 -14.93
N ILE A 156 -30.35 32.13 -16.12
CA ILE A 156 -29.28 32.83 -16.83
C ILE A 156 -29.71 33.08 -18.27
N TYR A 157 -29.12 34.10 -18.86
CA TYR A 157 -29.31 34.40 -20.27
C TYR A 157 -28.33 33.58 -21.11
N LYS A 158 -28.82 32.96 -22.16
CA LYS A 158 -27.96 32.31 -23.14
C LYS A 158 -28.64 32.38 -24.50
N CYS A 159 -27.82 32.30 -25.54
CA CYS A 159 -28.36 32.15 -26.89
C CYS A 159 -28.98 30.77 -27.03
N ASP A 160 -30.24 30.73 -27.46
CA ASP A 160 -30.95 29.47 -27.60
C ASP A 160 -31.90 29.59 -28.78
N CYS A 161 -32.61 28.51 -29.05
CA CYS A 161 -33.46 28.45 -30.23
C CYS A 161 -34.65 29.40 -30.11
N LYS A 162 -35.00 30.02 -31.23
CA LYS A 162 -36.14 30.93 -31.27
C LYS A 162 -37.44 30.15 -31.07
N ASP A 163 -38.56 30.86 -31.15
CA ASP A 163 -39.87 30.26 -30.99
C ASP A 163 -40.12 29.19 -32.05
N GLY A 164 -40.18 27.92 -31.63
CA GLY A 164 -40.50 26.83 -32.52
C GLY A 164 -39.34 26.03 -33.05
N PHE A 165 -38.19 26.03 -32.39
CA PHE A 165 -37.03 25.29 -32.87
C PHE A 165 -36.40 24.49 -31.73
N ILE A 166 -35.83 23.34 -32.10
CA ILE A 166 -35.07 22.50 -31.17
C ILE A 166 -33.83 22.01 -31.92
N ILE A 167 -33.29 20.86 -31.52
CA ILE A 167 -32.11 20.31 -32.19
C ILE A 167 -32.48 19.02 -32.90
N ILE A 173 -27.98 22.47 -34.17
CA ILE A 173 -28.49 23.71 -34.73
C ILE A 173 -30.01 23.74 -34.57
N CYS A 174 -30.58 24.94 -34.60
CA CYS A 174 -32.00 25.13 -34.32
C CYS A 174 -32.81 24.91 -35.59
N THR A 175 -33.64 23.87 -35.58
CA THR A 175 -34.51 23.58 -36.71
C THR A 175 -35.98 23.55 -36.28
N ASP B 1 -9.91 3.56 -41.88
CA ASP B 1 -8.91 3.59 -40.83
C ASP B 1 -8.13 4.91 -40.84
N ILE B 2 -7.80 5.41 -39.66
CA ILE B 2 -6.88 6.53 -39.54
C ILE B 2 -5.46 5.98 -39.50
N GLN B 3 -4.57 6.59 -40.25
CA GLN B 3 -3.26 6.00 -40.55
C GLN B 3 -2.20 6.49 -39.58
N MET B 4 -1.62 5.55 -38.84
CA MET B 4 -0.38 5.76 -38.11
C MET B 4 0.67 4.78 -38.62
N THR B 5 1.94 5.14 -38.43
CA THR B 5 3.04 4.29 -38.86
C THR B 5 4.00 4.07 -37.69
N GLN B 6 4.61 2.89 -37.67
CA GLN B 6 5.70 2.56 -36.77
C GLN B 6 6.80 1.87 -37.57
N SER B 7 8.05 2.22 -37.26
CA SER B 7 9.19 1.66 -37.98
C SER B 7 10.29 1.30 -36.99
N PRO B 8 10.92 0.13 -37.17
CA PRO B 8 10.51 -0.88 -38.14
C PRO B 8 9.30 -1.67 -37.68
N SER B 9 8.75 -2.53 -38.54
CA SER B 9 7.66 -3.40 -38.11
C SER B 9 8.17 -4.51 -37.19
N SER B 10 9.42 -4.94 -37.37
CA SER B 10 10.05 -5.87 -36.46
C SER B 10 11.55 -5.68 -36.52
N LEU B 11 12.24 -6.17 -35.49
CA LEU B 11 13.69 -6.09 -35.44
C LEU B 11 14.22 -7.19 -34.54
N SER B 12 15.48 -7.57 -34.79
CA SER B 12 16.16 -8.59 -34.00
C SER B 12 17.49 -7.99 -33.53
N ALA B 13 17.68 -7.92 -32.22
CA ALA B 13 18.84 -7.25 -31.64
C ALA B 13 19.46 -8.11 -30.54
N SER B 14 20.73 -7.85 -30.27
CA SER B 14 21.45 -8.54 -29.21
C SER B 14 21.17 -7.88 -27.87
N VAL B 15 21.35 -8.65 -26.79
CA VAL B 15 21.25 -8.10 -25.45
C VAL B 15 22.34 -7.05 -25.28
N GLY B 16 21.95 -5.90 -24.72
CA GLY B 16 22.85 -4.77 -24.60
C GLY B 16 22.75 -3.76 -25.73
N ASP B 17 22.11 -4.11 -26.85
CA ASP B 17 22.00 -3.20 -27.98
C ASP B 17 21.09 -2.02 -27.66
N ARG B 18 21.38 -0.91 -28.32
CA ARG B 18 20.47 0.24 -28.30
C ARG B 18 19.40 0.06 -29.36
N VAL B 19 18.14 0.16 -28.94
CA VAL B 19 16.99 -0.05 -29.83
C VAL B 19 16.21 1.24 -29.92
N THR B 20 15.98 1.71 -31.15
CA THR B 20 15.22 2.91 -31.42
C THR B 20 14.04 2.59 -32.31
N ILE B 21 12.84 2.95 -31.87
CA ILE B 21 11.61 2.75 -32.62
C ILE B 21 10.99 4.11 -32.89
N THR B 22 10.43 4.28 -34.08
CA THR B 22 9.78 5.53 -34.46
C THR B 22 8.28 5.33 -34.63
N CYS B 23 7.55 6.43 -34.46
CA CYS B 23 6.11 6.45 -34.60
C CYS B 23 5.71 7.79 -35.22
N GLN B 24 4.82 7.75 -36.20
CA GLN B 24 4.27 8.96 -36.81
C GLN B 24 2.77 8.97 -36.62
N ALA B 25 2.27 9.99 -35.91
CA ALA B 25 0.85 10.13 -35.68
C ALA B 25 0.14 10.53 -36.96
N SER B 26 -1.19 10.44 -36.93
CA SER B 26 -2.00 10.80 -38.10
C SER B 26 -2.13 12.30 -38.27
N GLN B 27 -1.82 13.08 -37.23
CA GLN B 27 -1.95 14.52 -37.27
C GLN B 27 -1.11 15.10 -36.13
N ASP B 28 -1.06 16.42 -36.05
CA ASP B 28 -0.39 17.06 -34.93
C ASP B 28 -1.20 16.80 -33.66
N ILE B 29 -0.60 16.07 -32.72
CA ILE B 29 -1.23 15.71 -31.46
C ILE B 29 -0.49 16.29 -30.27
N SER B 30 0.40 17.26 -30.52
CA SER B 30 1.28 17.82 -29.50
C SER B 30 2.03 16.72 -28.77
N ASN B 31 1.76 16.52 -27.49
CA ASN B 31 2.41 15.49 -26.69
C ASN B 31 1.48 14.36 -26.29
N PHE B 32 0.29 14.28 -26.87
CA PHE B 32 -0.67 13.23 -26.53
C PHE B 32 -0.32 11.93 -27.25
N LEU B 33 0.85 11.38 -26.93
CA LEU B 33 1.30 10.13 -27.51
C LEU B 33 1.94 9.29 -26.41
N ASN B 34 1.51 8.03 -26.32
CA ASN B 34 1.94 7.14 -25.26
C ASN B 34 2.49 5.86 -25.88
N TRP B 35 3.38 5.19 -25.13
CA TRP B 35 4.04 3.98 -25.58
C TRP B 35 3.68 2.82 -24.66
N TYR B 36 3.28 1.69 -25.25
CA TYR B 36 2.92 0.51 -24.50
C TYR B 36 3.82 -0.66 -24.88
N GLN B 37 4.07 -1.52 -23.91
CA GLN B 37 4.82 -2.77 -24.10
C GLN B 37 3.87 -3.93 -23.86
N GLN B 38 3.71 -4.78 -24.88
CA GLN B 38 2.84 -5.96 -24.77
C GLN B 38 3.70 -7.20 -24.90
N LYS B 39 3.93 -7.87 -23.78
CA LYS B 39 4.63 -9.14 -23.79
C LYS B 39 3.68 -10.26 -24.19
N PRO B 40 4.19 -11.35 -24.75
CA PRO B 40 3.32 -12.37 -25.33
C PRO B 40 2.28 -12.90 -24.34
N GLY B 41 1.03 -12.94 -24.80
CA GLY B 41 -0.07 -13.42 -23.98
C GLY B 41 -0.49 -12.51 -22.85
N LYS B 42 0.07 -11.30 -22.76
CA LYS B 42 -0.21 -10.39 -21.67
C LYS B 42 -0.89 -9.13 -22.20
N ALA B 43 -1.55 -8.41 -21.29
CA ALA B 43 -2.12 -7.13 -21.63
C ALA B 43 -1.01 -6.11 -21.89
N PRO B 44 -1.28 -5.09 -22.70
CA PRO B 44 -0.28 -4.02 -22.87
C PRO B 44 0.02 -3.32 -21.55
N LYS B 45 1.26 -2.88 -21.41
CA LYS B 45 1.73 -2.19 -20.22
C LYS B 45 2.24 -0.81 -20.61
N LEU B 46 1.70 0.23 -19.97
CA LEU B 46 2.11 1.59 -20.26
C LEU B 46 3.53 1.82 -19.74
N LEU B 47 4.42 2.25 -20.64
CA LEU B 47 5.79 2.60 -20.28
C LEU B 47 6.04 4.10 -20.34
N ILE B 48 5.60 4.76 -21.40
CA ILE B 48 5.82 6.19 -21.60
C ILE B 48 4.47 6.85 -21.84
N TYR B 49 4.20 7.95 -21.13
CA TYR B 49 2.99 8.72 -21.33
C TYR B 49 3.36 10.17 -21.58
N ASP B 50 2.49 10.87 -22.30
CA ASP B 50 2.73 12.26 -22.70
C ASP B 50 4.09 12.41 -23.38
N ALA B 51 4.36 11.50 -24.31
CA ALA B 51 5.51 11.53 -25.22
C ALA B 51 6.83 11.17 -24.54
N SER B 52 7.07 11.67 -23.33
CA SER B 52 8.40 11.56 -22.75
C SER B 52 8.43 11.22 -21.26
N ASN B 53 7.29 11.01 -20.61
CA ASN B 53 7.27 10.77 -19.17
C ASN B 53 7.31 9.28 -18.88
N LEU B 54 8.26 8.88 -18.04
CA LEU B 54 8.42 7.48 -17.67
C LEU B 54 7.40 7.07 -16.63
N GLU B 55 6.66 6.00 -16.90
CA GLU B 55 5.72 5.47 -15.92
C GLU B 55 6.46 5.05 -14.65
N THR B 56 5.78 5.24 -13.52
CA THR B 56 6.38 4.93 -12.22
C THR B 56 6.80 3.46 -12.15
N GLY B 57 8.06 3.23 -11.77
CA GLY B 57 8.60 1.90 -11.64
C GLY B 57 9.19 1.30 -12.89
N VAL B 58 9.09 1.99 -14.02
CA VAL B 58 9.65 1.49 -15.28
C VAL B 58 11.15 1.74 -15.28
N PRO B 59 11.97 0.78 -15.69
CA PRO B 59 13.42 1.00 -15.69
C PRO B 59 13.83 2.22 -16.51
N SER B 60 14.91 2.86 -16.08
CA SER B 60 15.39 4.09 -16.70
C SER B 60 15.93 3.87 -18.12
N ARG B 61 16.14 2.62 -18.54
CA ARG B 61 16.61 2.38 -19.90
C ARG B 61 15.55 2.68 -20.96
N PHE B 62 14.30 2.84 -20.56
CA PHE B 62 13.22 3.19 -21.48
C PHE B 62 13.04 4.71 -21.50
N SER B 63 12.85 5.24 -22.70
CA SER B 63 12.62 6.68 -22.85
C SER B 63 11.83 6.95 -24.12
N GLY B 64 11.26 8.14 -24.18
CA GLY B 64 10.54 8.59 -25.36
C GLY B 64 10.77 10.06 -25.58
N SER B 65 10.70 10.47 -26.84
CA SER B 65 10.86 11.87 -27.19
C SER B 65 9.98 12.19 -28.39
N GLY B 66 9.87 13.48 -28.68
CA GLY B 66 9.11 13.93 -29.83
C GLY B 66 7.91 14.80 -29.45
N SER B 67 7.41 15.54 -30.43
CA SER B 67 6.23 16.39 -30.24
C SER B 67 5.63 16.68 -31.60
N GLY B 68 4.30 16.75 -31.65
CA GLY B 68 3.61 17.01 -32.90
C GLY B 68 3.20 15.75 -33.62
N THR B 69 4.06 15.26 -34.51
CA THR B 69 3.70 14.11 -35.35
C THR B 69 4.75 13.01 -35.29
N ASP B 70 6.02 13.37 -35.12
CA ASP B 70 7.12 12.41 -35.21
C ASP B 70 7.65 12.12 -33.81
N PHE B 71 7.66 10.85 -33.43
CA PHE B 71 8.02 10.43 -32.09
C PHE B 71 8.98 9.25 -32.17
N THR B 72 9.83 9.12 -31.15
CA THR B 72 10.76 8.00 -31.04
C THR B 72 10.66 7.37 -29.66
N PHE B 73 10.95 6.08 -29.62
CA PHE B 73 11.00 5.29 -28.39
C PHE B 73 12.34 4.56 -28.35
N THR B 74 13.01 4.61 -27.21
CA THR B 74 14.38 4.12 -27.12
C THR B 74 14.56 3.20 -25.93
N ILE B 75 15.14 2.03 -26.16
CA ILE B 75 15.65 1.16 -25.13
C ILE B 75 17.17 1.28 -25.17
N SER B 76 17.75 1.90 -24.14
CA SER B 76 19.18 2.23 -24.18
C SER B 76 20.05 0.98 -24.18
N SER B 77 19.56 -0.12 -23.61
CA SER B 77 20.36 -1.35 -23.52
C SER B 77 19.36 -2.51 -23.39
N LEU B 78 19.17 -3.23 -24.49
CA LEU B 78 18.13 -4.26 -24.55
C LEU B 78 18.44 -5.38 -23.58
N GLN B 79 17.45 -5.76 -22.78
CA GLN B 79 17.55 -6.84 -21.82
C GLN B 79 16.68 -8.01 -22.26
N PRO B 80 16.99 -9.23 -21.78
CA PRO B 80 16.18 -10.40 -22.19
C PRO B 80 14.69 -10.25 -21.94
N GLU B 81 14.29 -9.64 -20.83
CA GLU B 81 12.88 -9.48 -20.51
C GLU B 81 12.18 -8.41 -21.36
N ASP B 82 12.90 -7.72 -22.24
CA ASP B 82 12.32 -6.64 -23.02
C ASP B 82 11.67 -7.10 -24.33
N ILE B 83 11.73 -8.39 -24.65
CA ILE B 83 11.08 -8.87 -25.87
C ILE B 83 9.57 -8.71 -25.73
N ALA B 84 8.96 -8.10 -26.74
CA ALA B 84 7.56 -7.69 -26.72
C ALA B 84 7.27 -6.96 -28.02
N THR B 85 5.99 -6.70 -28.27
CA THR B 85 5.56 -5.76 -29.29
C THR B 85 5.28 -4.42 -28.63
N TYR B 86 5.84 -3.36 -29.20
CA TYR B 86 5.70 -2.02 -28.66
C TYR B 86 4.76 -1.21 -29.55
N TYR B 87 3.76 -0.59 -28.93
CA TYR B 87 2.76 0.20 -29.63
C TYR B 87 2.83 1.65 -29.16
N CYS B 88 2.80 2.58 -30.11
CA CYS B 88 2.48 3.95 -29.76
C CYS B 88 0.97 4.13 -29.83
N GLN B 89 0.48 5.15 -29.13
CA GLN B 89 -0.96 5.39 -29.04
C GLN B 89 -1.21 6.88 -28.94
N GLN B 90 -1.99 7.41 -29.87
CA GLN B 90 -2.29 8.82 -29.93
C GLN B 90 -3.69 9.10 -29.39
N TYR B 91 -3.91 10.36 -29.03
CA TYR B 91 -5.22 10.86 -28.60
C TYR B 91 -5.45 12.17 -29.35
N ASP B 92 -6.42 12.19 -30.25
CA ASP B 92 -6.58 13.30 -31.17
C ASP B 92 -7.63 14.28 -30.65
N ASN B 93 -7.91 15.32 -31.46
CA ASN B 93 -8.84 16.36 -31.06
C ASN B 93 -10.29 15.91 -31.07
N LEU B 94 -10.59 14.76 -31.69
CA LEU B 94 -11.91 14.15 -31.60
C LEU B 94 -12.04 13.20 -30.42
N ARG B 95 -11.05 13.20 -29.50
CA ARG B 95 -11.03 12.32 -28.33
C ARG B 95 -11.01 10.84 -28.72
N ILE B 96 -10.34 10.51 -29.83
CA ILE B 96 -10.25 9.13 -30.29
C ILE B 96 -8.87 8.57 -29.96
N PHE B 97 -8.84 7.40 -29.32
CA PHE B 97 -7.60 6.67 -29.08
C PHE B 97 -7.29 5.79 -30.28
N THR B 98 -6.10 5.94 -30.84
CA THR B 98 -5.65 5.08 -31.93
C THR B 98 -4.27 4.53 -31.62
N PHE B 99 -4.11 3.22 -31.74
CA PHE B 99 -2.83 2.57 -31.55
C PHE B 99 -2.11 2.41 -32.88
N GLY B 100 -0.80 2.59 -32.86
CA GLY B 100 0.02 2.33 -34.03
C GLY B 100 0.04 0.87 -34.38
N PRO B 101 0.65 0.52 -35.52
CA PRO B 101 0.66 -0.89 -35.96
C PRO B 101 1.59 -1.77 -35.14
N GLY B 102 2.52 -1.19 -34.39
CA GLY B 102 3.32 -1.96 -33.46
C GLY B 102 4.66 -2.36 -34.04
N THR B 103 5.65 -2.49 -33.14
CA THR B 103 6.99 -2.96 -33.49
C THR B 103 7.33 -4.15 -32.61
N LYS B 104 7.56 -5.30 -33.24
CA LYS B 104 7.99 -6.50 -32.53
C LYS B 104 9.51 -6.50 -32.45
N VAL B 105 10.05 -6.58 -31.24
CA VAL B 105 11.49 -6.67 -31.04
C VAL B 105 11.80 -8.08 -30.55
N ASP B 106 12.71 -8.75 -31.26
CA ASP B 106 13.20 -10.07 -30.90
C ASP B 106 14.67 -9.94 -30.52
N ILE B 107 15.19 -10.99 -29.88
CA ILE B 107 16.57 -11.00 -29.42
C ILE B 107 17.37 -12.01 -30.23
N LYS B 108 18.52 -11.56 -30.75
CA LYS B 108 19.54 -12.47 -31.26
C LYS B 108 20.35 -13.01 -30.09
N ARG B 109 20.56 -14.31 -30.07
CA ARG B 109 21.44 -14.92 -29.08
C ARG B 109 22.23 -16.03 -29.75
N THR B 110 23.18 -16.59 -29.02
CA THR B 110 23.99 -17.67 -29.55
C THR B 110 23.12 -18.89 -29.82
N VAL B 111 23.54 -19.71 -30.79
CA VAL B 111 22.83 -20.95 -31.09
C VAL B 111 22.75 -21.80 -29.83
N ALA B 112 21.61 -22.46 -29.63
CA ALA B 112 21.39 -23.31 -28.48
C ALA B 112 20.68 -24.57 -28.92
N ALA B 113 21.20 -25.73 -28.50
CA ALA B 113 20.64 -27.00 -28.92
C ALA B 113 19.40 -27.33 -28.10
N PRO B 114 18.39 -27.95 -28.70
CA PRO B 114 17.21 -28.34 -27.92
C PRO B 114 17.48 -29.58 -27.09
N SER B 115 16.86 -29.61 -25.90
CA SER B 115 16.72 -30.84 -25.14
C SER B 115 15.49 -31.56 -25.65
N VAL B 116 15.63 -32.84 -25.97
CA VAL B 116 14.60 -33.61 -26.67
C VAL B 116 14.02 -34.64 -25.72
N PHE B 117 12.69 -34.66 -25.61
CA PHE B 117 11.97 -35.60 -24.78
C PHE B 117 10.80 -36.16 -25.57
N ILE B 118 10.47 -37.43 -25.32
CA ILE B 118 9.34 -38.07 -25.97
C ILE B 118 8.43 -38.65 -24.90
N PHE B 119 7.11 -38.57 -25.15
CA PHE B 119 6.11 -39.01 -24.18
C PHE B 119 5.20 -40.02 -24.87
N PRO B 120 5.03 -41.21 -24.31
CA PRO B 120 4.08 -42.17 -24.89
C PRO B 120 2.66 -41.76 -24.57
N PRO B 121 1.67 -42.30 -25.30
CA PRO B 121 0.28 -42.01 -24.94
C PRO B 121 -0.07 -42.62 -23.60
N SER B 122 -0.98 -41.96 -22.89
CA SER B 122 -1.42 -42.44 -21.59
C SER B 122 -2.38 -43.60 -21.74
N ASP B 123 -2.44 -44.45 -20.71
CA ASP B 123 -3.40 -45.55 -20.73
C ASP B 123 -4.83 -45.03 -20.73
N GLU B 124 -5.07 -43.91 -20.04
CA GLU B 124 -6.40 -43.32 -20.03
C GLU B 124 -6.87 -42.98 -21.44
N GLN B 125 -6.02 -42.31 -22.22
CA GLN B 125 -6.40 -41.96 -23.59
C GLN B 125 -6.59 -43.19 -24.45
N LEU B 126 -5.72 -44.19 -24.29
CA LEU B 126 -5.84 -45.42 -25.07
C LEU B 126 -7.18 -46.09 -24.86
N LYS B 127 -7.78 -45.93 -23.68
CA LYS B 127 -9.13 -46.45 -23.45
C LYS B 127 -10.14 -45.87 -24.44
N SER B 128 -9.87 -44.69 -24.96
CA SER B 128 -10.80 -43.98 -25.84
C SER B 128 -10.55 -44.23 -27.32
N GLY B 129 -9.56 -45.04 -27.67
CA GLY B 129 -9.34 -45.41 -29.05
C GLY B 129 -8.35 -44.55 -29.80
N THR B 130 -7.74 -43.55 -29.17
CA THR B 130 -6.80 -42.66 -29.81
C THR B 130 -5.48 -42.67 -29.04
N ALA B 131 -4.38 -42.55 -29.77
CA ALA B 131 -3.04 -42.51 -29.19
C ALA B 131 -2.33 -41.24 -29.66
N SER B 132 -1.99 -40.38 -28.71
CA SER B 132 -1.21 -39.18 -28.99
C SER B 132 0.20 -39.36 -28.44
N VAL B 133 1.19 -39.28 -29.31
CA VAL B 133 2.60 -39.32 -28.93
C VAL B 133 3.17 -37.92 -29.05
N VAL B 134 3.86 -37.46 -28.02
CA VAL B 134 4.31 -36.07 -27.92
C VAL B 134 5.83 -36.04 -27.86
N CYS B 135 6.43 -35.18 -28.68
CA CYS B 135 7.86 -34.95 -28.69
C CYS B 135 8.12 -33.49 -28.30
N LEU B 136 9.01 -33.29 -27.33
CA LEU B 136 9.28 -31.96 -26.79
C LEU B 136 10.70 -31.54 -27.14
N LEU B 137 10.83 -30.35 -27.73
CA LEU B 137 12.11 -29.71 -27.98
C LEU B 137 12.19 -28.48 -27.07
N ASN B 138 13.09 -28.53 -26.09
CA ASN B 138 13.10 -27.56 -25.01
C ASN B 138 14.28 -26.62 -25.16
N ASN B 139 14.00 -25.31 -25.19
CA ASN B 139 14.98 -24.25 -24.98
C ASN B 139 16.11 -24.31 -26.02
N PHE B 140 15.74 -23.95 -27.25
CA PHE B 140 16.69 -23.95 -28.35
C PHE B 140 16.65 -22.59 -29.06
N TYR B 141 17.68 -22.36 -29.88
CA TYR B 141 17.78 -21.16 -30.69
C TYR B 141 18.70 -21.46 -31.86
N PRO B 142 18.38 -21.04 -33.09
CA PRO B 142 17.22 -20.22 -33.46
C PRO B 142 15.90 -20.98 -33.52
N ARG B 143 14.84 -20.28 -33.96
CA ARG B 143 13.49 -20.82 -33.91
C ARG B 143 13.32 -21.99 -34.87
N GLU B 144 14.06 -22.01 -35.98
CA GLU B 144 13.88 -23.05 -36.98
C GLU B 144 14.32 -24.39 -36.43
N ALA B 145 13.46 -25.40 -36.60
CA ALA B 145 13.74 -26.76 -36.15
C ALA B 145 12.92 -27.72 -36.99
N LYS B 146 13.45 -28.93 -37.15
CA LYS B 146 12.81 -29.97 -37.97
C LYS B 146 12.57 -31.20 -37.10
N VAL B 147 11.31 -31.63 -37.05
CA VAL B 147 10.92 -32.84 -36.31
C VAL B 147 10.38 -33.84 -37.31
N GLN B 148 10.93 -35.06 -37.26
CA GLN B 148 10.44 -36.17 -38.07
C GLN B 148 10.03 -37.32 -37.15
N TRP B 149 8.82 -37.83 -37.37
CA TRP B 149 8.33 -38.98 -36.61
C TRP B 149 8.62 -40.26 -37.38
N LYS B 150 9.14 -41.26 -36.68
CA LYS B 150 9.39 -42.57 -37.29
C LYS B 150 8.75 -43.65 -36.42
N VAL B 151 7.93 -44.48 -37.05
CA VAL B 151 7.24 -45.57 -36.39
C VAL B 151 7.78 -46.87 -36.96
N ASP B 152 8.52 -47.63 -36.14
CA ASP B 152 9.31 -48.77 -36.60
C ASP B 152 10.19 -48.38 -37.79
N ASN B 153 10.85 -47.23 -37.64
CA ASN B 153 11.78 -46.68 -38.63
C ASN B 153 11.09 -46.32 -39.94
N ALA B 154 9.76 -46.19 -39.94
CA ALA B 154 9.02 -45.73 -41.10
C ALA B 154 8.64 -44.27 -40.91
N LEU B 155 9.08 -43.42 -41.84
CA LEU B 155 8.82 -41.99 -41.72
C LEU B 155 7.33 -41.68 -41.80
N GLN B 156 6.85 -40.90 -40.85
CA GLN B 156 5.45 -40.50 -40.81
C GLN B 156 5.27 -39.17 -41.53
N SER B 157 4.07 -38.98 -42.09
CA SER B 157 3.70 -37.71 -42.69
C SER B 157 2.18 -37.58 -42.67
N GLY B 158 1.72 -36.34 -42.42
CA GLY B 158 0.30 -36.04 -42.43
C GLY B 158 -0.44 -36.31 -41.14
N ASN B 159 0.21 -36.92 -40.14
CA ASN B 159 -0.45 -37.27 -38.89
C ASN B 159 0.21 -36.61 -37.69
N SER B 160 0.92 -35.50 -37.89
CA SER B 160 1.54 -34.76 -36.81
C SER B 160 1.23 -33.28 -36.92
N GLN B 161 1.23 -32.61 -35.77
CA GLN B 161 1.11 -31.16 -35.70
C GLN B 161 2.09 -30.66 -34.64
N GLU B 162 2.52 -29.41 -34.80
CA GLU B 162 3.45 -28.81 -33.86
C GLU B 162 3.09 -27.35 -33.62
N SER B 163 3.59 -26.83 -32.50
CA SER B 163 3.50 -25.41 -32.20
C SER B 163 4.74 -25.01 -31.42
N VAL B 164 5.03 -23.72 -31.45
CA VAL B 164 6.26 -23.17 -30.87
C VAL B 164 5.90 -22.05 -29.91
N THR B 165 6.55 -22.05 -28.76
CA THR B 165 6.35 -20.97 -27.80
C THR B 165 6.94 -19.68 -28.34
N GLU B 166 6.54 -18.56 -27.73
CA GLU B 166 7.24 -17.31 -28.01
C GLU B 166 8.60 -17.34 -27.33
N GLN B 167 9.44 -16.38 -27.70
CA GLN B 167 10.80 -16.35 -27.18
C GLN B 167 10.78 -16.16 -25.67
N ASP B 168 11.61 -16.95 -24.98
CA ASP B 168 11.62 -16.91 -23.52
C ASP B 168 12.22 -15.60 -23.02
N SER B 169 11.59 -15.03 -21.99
CA SER B 169 11.99 -13.72 -21.48
C SER B 169 13.25 -13.78 -20.62
N LYS B 170 13.76 -14.97 -20.30
CA LYS B 170 14.98 -15.09 -19.50
C LYS B 170 16.19 -15.48 -20.33
N ASP B 171 16.10 -16.55 -21.12
CA ASP B 171 17.24 -17.05 -21.88
C ASP B 171 17.08 -16.91 -23.39
N SER B 172 16.00 -16.28 -23.85
CA SER B 172 15.79 -15.92 -25.25
C SER B 172 15.71 -17.13 -26.17
N THR B 173 15.32 -18.29 -25.63
CA THR B 173 15.20 -19.49 -26.43
C THR B 173 13.74 -19.75 -26.80
N TYR B 174 13.55 -20.76 -27.64
CA TYR B 174 12.22 -21.23 -28.03
C TYR B 174 12.06 -22.68 -27.60
N SER B 175 10.81 -23.11 -27.49
CA SER B 175 10.48 -24.50 -27.27
C SER B 175 9.41 -24.94 -28.28
N LEU B 176 9.40 -26.23 -28.59
CA LEU B 176 8.51 -26.77 -29.59
C LEU B 176 7.91 -28.07 -29.10
N SER B 177 6.62 -28.25 -29.36
CA SER B 177 5.89 -29.47 -29.01
C SER B 177 5.25 -30.03 -30.27
N SER B 178 5.51 -31.30 -30.55
CA SER B 178 4.96 -31.98 -31.72
C SER B 178 4.17 -33.19 -31.27
N THR B 179 2.95 -33.32 -31.77
CA THR B 179 2.05 -34.41 -31.40
C THR B 179 1.80 -35.32 -32.59
N LEU B 180 2.17 -36.58 -32.46
CA LEU B 180 1.82 -37.60 -33.43
C LEU B 180 0.53 -38.28 -32.99
N THR B 181 -0.47 -38.32 -33.88
CA THR B 181 -1.79 -38.83 -33.55
C THR B 181 -2.07 -40.06 -34.41
N LEU B 182 -2.36 -41.18 -33.75
CA LEU B 182 -2.73 -42.42 -34.42
C LEU B 182 -3.98 -42.98 -33.76
N SER B 183 -4.63 -43.91 -34.46
CA SER B 183 -5.66 -44.71 -33.83
C SER B 183 -4.99 -45.69 -32.85
N LYS B 184 -5.77 -46.12 -31.85
CA LYS B 184 -5.25 -47.11 -30.91
C LYS B 184 -4.85 -48.39 -31.63
N ALA B 185 -5.64 -48.81 -32.63
CA ALA B 185 -5.32 -50.03 -33.37
C ALA B 185 -3.97 -49.91 -34.07
N ASP B 186 -3.73 -48.79 -34.75
CA ASP B 186 -2.45 -48.59 -35.42
C ASP B 186 -1.31 -48.50 -34.41
N TYR B 187 -1.55 -47.83 -33.27
CA TYR B 187 -0.52 -47.70 -32.25
C TYR B 187 -0.07 -49.07 -31.73
N GLU B 188 -1.00 -49.99 -31.56
CA GLU B 188 -0.67 -51.31 -31.00
C GLU B 188 0.03 -52.22 -32.00
N LYS B 189 0.14 -51.81 -33.26
CA LYS B 189 0.75 -52.65 -34.28
C LYS B 189 2.26 -52.49 -34.38
N HIS B 190 2.84 -51.51 -33.69
CA HIS B 190 4.25 -51.20 -33.86
C HIS B 190 4.95 -51.14 -32.51
N LYS B 191 6.28 -51.27 -32.57
CA LYS B 191 7.14 -51.29 -31.38
C LYS B 191 7.78 -49.93 -31.09
N VAL B 192 8.64 -49.46 -32.00
CA VAL B 192 9.48 -48.30 -31.74
C VAL B 192 8.79 -47.04 -32.22
N TYR B 193 8.68 -46.06 -31.32
CA TYR B 193 8.18 -44.73 -31.66
C TYR B 193 9.28 -43.72 -31.37
N ALA B 194 9.67 -42.96 -32.39
CA ALA B 194 10.80 -42.06 -32.29
C ALA B 194 10.50 -40.74 -32.98
N CYS B 195 10.95 -39.65 -32.38
CA CYS B 195 11.03 -38.36 -33.06
C CYS B 195 12.50 -38.00 -33.28
N GLU B 196 12.81 -37.56 -34.48
CA GLU B 196 14.18 -37.23 -34.88
C GLU B 196 14.26 -35.73 -35.12
N VAL B 197 15.18 -35.07 -34.43
CA VAL B 197 15.24 -33.61 -34.37
C VAL B 197 16.49 -33.15 -35.10
N THR B 198 16.31 -32.24 -36.06
CA THR B 198 17.40 -31.57 -36.75
C THR B 198 17.38 -30.10 -36.37
N HIS B 199 18.54 -29.58 -35.97
CA HIS B 199 18.61 -28.19 -35.51
C HIS B 199 20.02 -27.67 -35.68
N GLN B 200 20.12 -26.35 -35.85
CA GLN B 200 21.41 -25.68 -36.01
C GLN B 200 22.39 -26.03 -34.90
N GLY B 201 21.91 -26.21 -33.68
CA GLY B 201 22.76 -26.52 -32.54
C GLY B 201 23.17 -27.96 -32.40
N LEU B 202 22.78 -28.82 -33.33
CA LEU B 202 23.14 -30.23 -33.30
C LEU B 202 24.04 -30.55 -34.48
N SER B 203 25.11 -31.31 -34.22
CA SER B 203 26.02 -31.70 -35.30
C SER B 203 25.39 -32.79 -36.17
N SER B 204 24.54 -33.62 -35.59
CA SER B 204 23.80 -34.64 -36.30
C SER B 204 22.42 -34.74 -35.66
N PRO B 205 21.42 -35.24 -36.39
CA PRO B 205 20.07 -35.32 -35.82
C PRO B 205 20.04 -36.14 -34.53
N VAL B 206 19.16 -35.73 -33.63
CA VAL B 206 19.02 -36.36 -32.32
C VAL B 206 17.69 -37.10 -32.29
N THR B 207 17.73 -38.36 -31.86
CA THR B 207 16.55 -39.22 -31.80
C THR B 207 16.25 -39.58 -30.36
N LYS B 208 14.99 -39.38 -29.96
CA LYS B 208 14.46 -39.93 -28.73
C LYS B 208 13.36 -40.92 -29.08
N SER B 209 13.41 -42.10 -28.48
CA SER B 209 12.49 -43.18 -28.84
C SER B 209 12.06 -43.94 -27.59
N PHE B 210 11.02 -44.75 -27.75
CA PHE B 210 10.60 -45.69 -26.72
C PHE B 210 9.99 -46.90 -27.39
N ASN B 211 9.97 -48.01 -26.68
CA ASN B 211 9.29 -49.23 -27.11
C ASN B 211 7.93 -49.29 -26.45
N ARG B 212 6.88 -49.47 -27.24
CA ARG B 212 5.54 -49.60 -26.69
C ARG B 212 5.48 -50.82 -25.78
N GLY B 213 5.07 -50.60 -24.53
CA GLY B 213 4.99 -51.66 -23.55
C GLY B 213 6.28 -51.93 -22.80
N GLU B 214 7.29 -51.07 -22.94
CA GLU B 214 8.53 -51.25 -22.19
C GLU B 214 8.29 -51.15 -20.69
N CYS B 215 7.29 -50.37 -20.30
CA CYS B 215 6.89 -50.24 -18.91
C CYS B 215 5.54 -50.93 -18.68
N GLN C 1 -5.25 3.34 -7.23
CA GLN C 1 -4.85 2.07 -7.84
C GLN C 1 -6.00 1.08 -7.79
N VAL C 2 -6.24 0.41 -8.93
CA VAL C 2 -7.33 -0.54 -9.07
C VAL C 2 -6.82 -1.81 -9.72
N GLN C 3 -7.55 -2.90 -9.51
CA GLN C 3 -7.29 -4.17 -10.18
C GLN C 3 -8.52 -4.53 -11.00
N LEU C 4 -8.29 -4.90 -12.26
CA LEU C 4 -9.36 -5.13 -13.23
C LEU C 4 -9.40 -6.60 -13.61
N GLN C 5 -10.61 -7.15 -13.76
CA GLN C 5 -10.78 -8.55 -14.11
C GLN C 5 -11.98 -8.67 -15.06
N GLU C 6 -11.72 -9.05 -16.30
CA GLU C 6 -12.78 -9.26 -17.26
C GLU C 6 -13.48 -10.59 -17.01
N SER C 7 -14.72 -10.68 -17.47
CA SER C 7 -15.43 -11.94 -17.57
C SER C 7 -16.38 -11.86 -18.76
N GLY C 8 -16.43 -12.94 -19.53
CA GLY C 8 -17.27 -12.97 -20.71
C GLY C 8 -17.86 -14.33 -20.98
N PRO C 9 -18.61 -14.45 -22.07
CA PRO C 9 -19.31 -15.71 -22.37
C PRO C 9 -18.45 -16.74 -23.09
N GLY C 10 -17.23 -16.40 -23.49
CA GLY C 10 -16.44 -17.29 -24.31
C GLY C 10 -16.98 -17.35 -25.72
N LEU C 11 -18.09 -18.06 -25.91
CA LEU C 11 -18.78 -18.12 -27.18
C LEU C 11 -19.93 -17.13 -27.22
N VAL C 12 -20.16 -16.57 -28.41
CA VAL C 12 -21.36 -15.80 -28.71
C VAL C 12 -21.78 -16.11 -30.14
N LYS C 13 -23.08 -16.30 -30.34
CA LYS C 13 -23.54 -16.68 -31.66
C LYS C 13 -23.60 -15.46 -32.58
N PRO C 14 -23.38 -15.64 -33.88
CA PRO C 14 -23.43 -14.51 -34.80
C PRO C 14 -24.80 -13.84 -34.79
N SER C 15 -24.79 -12.52 -34.98
CA SER C 15 -25.92 -11.61 -35.00
C SER C 15 -26.47 -11.33 -33.61
N GLU C 16 -26.03 -12.04 -32.58
CA GLU C 16 -26.50 -11.79 -31.22
C GLU C 16 -25.62 -10.74 -30.55
N THR C 17 -25.97 -10.38 -29.32
CA THR C 17 -25.33 -9.29 -28.61
C THR C 17 -24.28 -9.83 -27.64
N LEU C 18 -23.06 -9.31 -27.75
CA LEU C 18 -21.97 -9.67 -26.86
C LEU C 18 -22.02 -8.81 -25.60
N SER C 19 -22.02 -9.47 -24.44
CA SER C 19 -22.03 -8.79 -23.15
C SER C 19 -20.78 -9.16 -22.37
N LEU C 20 -20.07 -8.14 -21.90
CA LEU C 20 -18.85 -8.32 -21.13
C LEU C 20 -18.93 -7.52 -19.84
N THR C 21 -18.23 -7.99 -18.81
CA THR C 21 -18.19 -7.33 -17.51
C THR C 21 -16.76 -7.26 -17.00
N CYS C 22 -16.41 -6.12 -16.42
CA CYS C 22 -15.10 -5.89 -15.82
C CYS C 22 -15.29 -5.62 -14.33
N THR C 23 -14.78 -6.50 -13.49
CA THR C 23 -14.92 -6.37 -12.04
C THR C 23 -13.72 -5.61 -11.49
N VAL C 24 -14.00 -4.61 -10.66
CA VAL C 24 -13.00 -3.65 -10.20
C VAL C 24 -12.83 -3.77 -8.70
N SER C 25 -11.58 -3.80 -8.24
CA SER C 25 -11.26 -3.72 -6.83
C SER C 25 -10.22 -2.63 -6.62
N GLY C 26 -10.31 -1.95 -5.48
CA GLY C 26 -9.40 -0.87 -5.17
C GLY C 26 -10.05 0.49 -5.02
N ASP C 27 -9.51 1.49 -5.71
CA ASP C 27 -9.99 2.86 -5.60
C ASP C 27 -11.43 2.97 -6.10
N SER C 28 -12.02 4.14 -5.82
CA SER C 28 -13.36 4.44 -6.31
C SER C 28 -13.39 4.50 -7.82
N MET C 29 -14.41 3.89 -8.42
CA MET C 29 -14.54 3.90 -9.88
C MET C 29 -14.72 5.30 -10.44
N SER C 30 -15.23 6.23 -9.62
CA SER C 30 -15.47 7.59 -10.09
C SER C 30 -14.18 8.35 -10.39
N SER C 31 -13.03 7.84 -9.93
CA SER C 31 -11.76 8.49 -10.17
C SER C 31 -11.11 8.11 -11.50
N TYR C 32 -11.79 7.33 -12.34
CA TYR C 32 -11.17 6.81 -13.55
C TYR C 32 -12.12 6.91 -14.74
N TYR C 33 -11.52 7.10 -15.92
CA TYR C 33 -12.21 6.88 -17.18
C TYR C 33 -12.12 5.41 -17.54
N TRP C 34 -13.24 4.82 -17.93
CA TRP C 34 -13.32 3.37 -18.15
C TRP C 34 -13.48 3.08 -19.64
N SER C 35 -12.62 2.21 -20.16
CA SER C 35 -12.56 1.92 -21.58
C SER C 35 -12.49 0.42 -21.84
N TRP C 36 -13.01 0.00 -22.99
CA TRP C 36 -12.78 -1.33 -23.52
C TRP C 36 -11.89 -1.24 -24.76
N ILE C 37 -10.97 -2.19 -24.88
CA ILE C 37 -10.05 -2.27 -26.01
C ILE C 37 -9.95 -3.73 -26.42
N ARG C 38 -10.01 -3.99 -27.73
CA ARG C 38 -9.98 -5.36 -28.22
C ARG C 38 -8.81 -5.57 -29.16
N GLN C 39 -8.43 -6.84 -29.31
CA GLN C 39 -7.28 -7.22 -30.11
C GLN C 39 -7.52 -8.59 -30.74
N PRO C 40 -7.79 -8.65 -32.04
CA PRO C 40 -7.85 -9.95 -32.73
C PRO C 40 -6.50 -10.64 -32.69
N ALA C 41 -6.52 -11.96 -32.79
CA ALA C 41 -5.31 -12.76 -32.73
C ALA C 41 -4.30 -12.31 -33.78
N GLY C 42 -3.09 -11.99 -33.33
CA GLY C 42 -2.04 -11.57 -34.23
C GLY C 42 -2.26 -10.23 -34.90
N LYS C 43 -3.14 -9.39 -34.36
CA LYS C 43 -3.44 -8.09 -34.91
C LYS C 43 -3.19 -7.01 -33.86
N GLY C 44 -3.46 -5.77 -34.24
CA GLY C 44 -3.24 -4.62 -33.38
C GLY C 44 -4.40 -4.40 -32.41
N LEU C 45 -4.34 -3.27 -31.73
CA LEU C 45 -5.30 -2.93 -30.68
C LEU C 45 -6.30 -1.91 -31.21
N GLU C 46 -7.57 -2.12 -30.89
CA GLU C 46 -8.65 -1.21 -31.29
C GLU C 46 -9.40 -0.76 -30.05
N TRP C 47 -9.34 0.54 -29.77
CA TRP C 47 -10.10 1.12 -28.66
C TRP C 47 -11.58 1.20 -29.03
N ILE C 48 -12.44 0.68 -28.16
CA ILE C 48 -13.86 0.59 -28.46
C ILE C 48 -14.62 1.82 -27.98
N GLY C 49 -14.33 2.31 -26.77
CA GLY C 49 -15.04 3.45 -26.24
C GLY C 49 -14.69 3.74 -24.80
N ARG C 50 -15.02 4.94 -24.32
CA ARG C 50 -14.66 5.40 -23.00
C ARG C 50 -15.88 6.04 -22.33
N ILE C 51 -16.05 5.76 -21.03
CA ILE C 51 -17.11 6.36 -20.24
C ILE C 51 -16.58 6.72 -18.87
N SER C 52 -17.36 7.52 -18.15
CA SER C 52 -17.11 7.84 -16.75
C SER C 52 -18.39 7.63 -15.96
N THR C 53 -18.26 7.59 -14.63
CA THR C 53 -19.43 7.39 -13.78
C THR C 53 -20.38 8.57 -13.82
N SER C 54 -19.92 9.75 -14.26
CA SER C 54 -20.78 10.92 -14.40
C SER C 54 -21.83 10.76 -15.48
N GLY C 55 -21.74 9.71 -16.31
CA GLY C 55 -22.65 9.52 -17.41
C GLY C 55 -22.10 9.94 -18.76
N SER C 56 -20.92 10.54 -18.80
CA SER C 56 -20.30 10.90 -20.07
C SER C 56 -19.94 9.65 -20.85
N THR C 57 -20.13 9.71 -22.17
CA THR C 57 -19.78 8.63 -23.07
C THR C 57 -18.91 9.16 -24.21
N ASN C 58 -17.96 8.34 -24.65
CA ASN C 58 -17.03 8.69 -25.72
C ASN C 58 -16.72 7.40 -26.47
N TYR C 59 -17.65 7.00 -27.33
CA TYR C 59 -17.51 5.77 -28.10
C TYR C 59 -16.73 6.02 -29.39
N ASN C 60 -15.99 5.02 -29.81
CA ASN C 60 -15.29 5.09 -31.09
C ASN C 60 -16.32 5.23 -32.21
N PRO C 61 -16.20 6.24 -33.07
CA PRO C 61 -17.21 6.42 -34.14
C PRO C 61 -17.39 5.20 -35.02
N SER C 62 -16.36 4.36 -35.18
CA SER C 62 -16.49 3.16 -35.99
C SER C 62 -17.41 2.12 -35.35
N LEU C 63 -17.61 2.18 -34.04
CA LEU C 63 -18.44 1.21 -33.34
C LEU C 63 -19.60 1.82 -32.57
N LYS C 64 -19.78 3.14 -32.63
CA LYS C 64 -20.78 3.81 -31.79
C LYS C 64 -22.18 3.23 -32.01
N SER C 65 -22.51 2.89 -33.26
CA SER C 65 -23.87 2.43 -33.56
C SER C 65 -24.15 1.04 -33.00
N ARG C 66 -23.12 0.28 -32.62
CA ARG C 66 -23.31 -1.07 -32.13
C ARG C 66 -23.01 -1.24 -30.65
N VAL C 67 -22.32 -0.30 -30.02
CA VAL C 67 -21.77 -0.52 -28.67
C VAL C 67 -22.42 0.44 -27.69
N THR C 68 -22.66 -0.05 -26.48
CA THR C 68 -23.02 0.75 -25.33
C THR C 68 -22.19 0.28 -24.13
N MET C 69 -21.97 1.19 -23.19
CA MET C 69 -21.22 0.87 -21.99
C MET C 69 -21.93 1.47 -20.78
N SER C 70 -21.61 0.93 -19.60
CA SER C 70 -22.21 1.39 -18.36
C SER C 70 -21.35 0.97 -17.19
N VAL C 71 -21.53 1.66 -16.06
CA VAL C 71 -20.85 1.35 -14.81
C VAL C 71 -21.90 1.13 -13.73
N ASP C 72 -21.69 0.11 -12.91
CA ASP C 72 -22.51 -0.14 -11.71
C ASP C 72 -21.56 -0.05 -10.52
N THR C 73 -21.50 1.13 -9.89
CA THR C 73 -20.61 1.33 -8.77
C THR C 73 -21.06 0.55 -7.53
N SER C 74 -22.34 0.20 -7.44
CA SER C 74 -22.83 -0.58 -6.30
C SER C 74 -22.20 -1.97 -6.29
N ASN C 75 -21.91 -2.54 -7.45
CA ASN C 75 -21.32 -3.86 -7.55
C ASN C 75 -19.93 -3.83 -8.18
N ASN C 76 -19.36 -2.63 -8.39
CA ASN C 76 -18.02 -2.47 -8.94
C ASN C 76 -17.88 -3.17 -10.29
N HIS C 77 -18.83 -2.92 -11.18
CA HIS C 77 -18.85 -3.52 -12.50
C HIS C 77 -18.81 -2.44 -13.58
N PHE C 78 -17.97 -2.69 -14.58
CA PHE C 78 -17.88 -1.87 -15.79
C PHE C 78 -18.17 -2.78 -16.96
N SER C 79 -19.24 -2.48 -17.71
CA SER C 79 -19.77 -3.40 -18.70
C SER C 79 -19.83 -2.74 -20.08
N MET C 80 -19.86 -3.58 -21.11
CA MET C 80 -20.15 -3.13 -22.47
C MET C 80 -21.06 -4.15 -23.15
N ARG C 81 -21.81 -3.66 -24.14
CA ARG C 81 -22.65 -4.51 -24.98
C ARG C 81 -22.36 -4.18 -26.44
N LEU C 82 -22.13 -5.21 -27.24
CA LEU C 82 -21.85 -5.06 -28.66
C LEU C 82 -22.88 -5.84 -29.45
N ASN C 83 -23.67 -5.13 -30.25
CA ASN C 83 -24.81 -5.73 -30.94
C ASN C 83 -24.37 -6.36 -32.26
N SER C 84 -25.14 -7.37 -32.68
CA SER C 84 -25.07 -7.92 -34.04
C SER C 84 -23.65 -8.39 -34.39
N VAL C 85 -23.09 -9.23 -33.52
CA VAL C 85 -21.71 -9.64 -33.69
C VAL C 85 -21.56 -10.54 -34.90
N THR C 86 -20.39 -10.47 -35.52
CA THR C 86 -20.00 -11.35 -36.62
C THR C 86 -18.59 -11.88 -36.32
N ALA C 87 -18.05 -12.67 -37.25
CA ALA C 87 -16.72 -13.23 -37.06
C ALA C 87 -15.66 -12.15 -36.89
N ALA C 88 -15.90 -10.95 -37.43
CA ALA C 88 -14.96 -9.84 -37.28
C ALA C 88 -14.84 -9.36 -35.84
N ASP C 89 -15.76 -9.75 -34.96
CA ASP C 89 -15.73 -9.32 -33.57
C ASP C 89 -15.00 -10.31 -32.67
N THR C 90 -14.56 -11.45 -33.20
CA THR C 90 -13.75 -12.38 -32.42
C THR C 90 -12.41 -11.73 -32.09
N ALA C 91 -12.11 -11.61 -30.80
CA ALA C 91 -10.90 -10.93 -30.35
C ALA C 91 -10.78 -11.11 -28.84
N VAL C 92 -9.60 -10.76 -28.33
CA VAL C 92 -9.41 -10.60 -26.89
C VAL C 92 -9.88 -9.20 -26.50
N TYR C 93 -10.80 -9.13 -25.54
CA TYR C 93 -11.35 -7.86 -25.09
C TYR C 93 -10.74 -7.49 -23.75
N TYR C 94 -10.14 -6.30 -23.67
CA TYR C 94 -9.55 -5.78 -22.46
C TYR C 94 -10.41 -4.66 -21.91
N CYS C 95 -10.57 -4.64 -20.59
CA CYS C 95 -11.01 -3.41 -19.92
C CYS C 95 -9.78 -2.69 -19.38
N ALA C 96 -9.85 -1.36 -19.39
CA ALA C 96 -8.73 -0.53 -19.00
C ALA C 96 -9.27 0.79 -18.47
N CYS C 97 -8.46 1.45 -17.64
CA CYS C 97 -8.89 2.70 -17.05
C CYS C 97 -7.68 3.57 -16.73
N SER C 98 -7.98 4.83 -16.41
CA SER C 98 -6.96 5.83 -16.07
C SER C 98 -7.66 7.02 -15.45
N GLY C 99 -6.97 7.69 -14.53
CA GLY C 99 -7.38 9.02 -14.15
C GLY C 99 -7.21 10.03 -15.26
N SER C 100 -6.29 9.78 -16.19
CA SER C 100 -6.11 10.62 -17.35
C SER C 100 -7.11 10.26 -18.43
N TYR C 101 -7.42 11.23 -19.29
CA TYR C 101 -8.35 11.03 -20.39
C TYR C 101 -7.68 10.60 -21.69
N SER C 102 -6.35 10.43 -21.71
CA SER C 102 -5.64 10.22 -22.96
C SER C 102 -4.78 8.96 -23.00
N PHE C 103 -4.69 8.18 -21.93
CA PHE C 103 -3.96 6.91 -21.98
C PHE C 103 -4.58 5.92 -21.00
N PHE C 104 -4.00 4.72 -20.95
CA PHE C 104 -4.48 3.63 -20.12
C PHE C 104 -3.30 3.11 -19.31
N ASP C 105 -3.33 3.29 -17.98
CA ASP C 105 -2.28 2.77 -17.12
C ASP C 105 -2.71 1.58 -16.27
N TYR C 106 -4.00 1.22 -16.28
CA TYR C 106 -4.48 0.02 -15.61
C TYR C 106 -5.22 -0.85 -16.62
N TRP C 107 -4.89 -2.13 -16.64
CA TRP C 107 -5.46 -3.09 -17.58
C TRP C 107 -5.91 -4.35 -16.85
N GLY C 108 -6.98 -4.95 -17.36
CA GLY C 108 -7.34 -6.31 -17.01
C GLY C 108 -6.46 -7.31 -17.72
N GLN C 109 -6.81 -8.58 -17.58
CA GLN C 109 -6.06 -9.65 -18.22
C GLN C 109 -6.57 -9.98 -19.61
N GLY C 110 -7.73 -9.46 -19.99
CA GLY C 110 -8.33 -9.78 -21.28
C GLY C 110 -9.16 -11.04 -21.24
N THR C 111 -10.27 -11.06 -21.97
CA THR C 111 -11.08 -12.25 -22.13
C THR C 111 -11.30 -12.49 -23.62
N LEU C 112 -11.08 -13.72 -24.06
CA LEU C 112 -11.21 -14.05 -25.47
C LEU C 112 -12.67 -14.33 -25.80
N VAL C 113 -13.20 -13.62 -26.79
CA VAL C 113 -14.56 -13.80 -27.27
C VAL C 113 -14.49 -14.44 -28.66
N THR C 114 -15.17 -15.57 -28.82
CA THR C 114 -15.20 -16.29 -30.09
C THR C 114 -16.62 -16.28 -30.62
N VAL C 115 -16.82 -15.66 -31.78
CA VAL C 115 -18.12 -15.65 -32.43
C VAL C 115 -18.26 -16.93 -33.24
N SER C 116 -19.23 -17.77 -32.86
CA SER C 116 -19.31 -19.11 -33.45
C SER C 116 -20.70 -19.67 -33.22
N SER C 117 -21.15 -20.48 -34.18
CA SER C 117 -22.39 -21.23 -34.05
C SER C 117 -22.25 -22.48 -33.19
N ALA C 118 -21.02 -22.95 -32.98
CA ALA C 118 -20.80 -24.22 -32.33
C ALA C 118 -20.98 -24.11 -30.82
N SER C 119 -21.22 -25.26 -30.19
CA SER C 119 -21.35 -25.36 -28.75
C SER C 119 -19.98 -25.52 -28.09
N THR C 120 -19.90 -25.13 -26.83
CA THR C 120 -18.68 -25.31 -26.06
C THR C 120 -18.43 -26.79 -25.81
N LYS C 121 -17.15 -27.17 -25.77
CA LYS C 121 -16.77 -28.54 -25.45
C LYS C 121 -15.57 -28.49 -24.51
N GLY C 122 -15.69 -29.14 -23.35
CA GLY C 122 -14.61 -29.19 -22.39
C GLY C 122 -13.53 -30.16 -22.80
N PRO C 123 -12.31 -29.93 -22.33
CA PRO C 123 -11.17 -30.74 -22.77
C PRO C 123 -10.98 -32.01 -21.94
N SER C 124 -10.33 -32.98 -22.56
CA SER C 124 -9.76 -34.11 -21.85
C SER C 124 -8.31 -33.80 -21.51
N VAL C 125 -7.89 -34.21 -20.31
CA VAL C 125 -6.55 -33.92 -19.81
C VAL C 125 -5.84 -35.25 -19.59
N PHE C 126 -4.72 -35.44 -20.28
CA PHE C 126 -3.94 -36.67 -20.18
C PHE C 126 -2.52 -36.36 -19.71
N PRO C 127 -1.94 -37.21 -18.88
CA PRO C 127 -0.58 -36.96 -18.40
C PRO C 127 0.48 -37.23 -19.47
N LEU C 128 1.53 -36.42 -19.42
CA LEU C 128 2.75 -36.67 -20.18
C LEU C 128 3.78 -37.16 -19.17
N ALA C 129 3.90 -38.48 -19.05
CA ALA C 129 4.61 -39.08 -17.93
C ALA C 129 6.12 -38.98 -18.13
N PRO C 130 6.86 -38.51 -17.13
CA PRO C 130 8.32 -38.52 -17.23
C PRO C 130 8.86 -39.93 -17.08
N SER C 131 9.89 -40.24 -17.86
CA SER C 131 10.51 -41.56 -17.84
C SER C 131 12.00 -41.38 -18.11
N SER C 132 12.66 -42.45 -18.56
CA SER C 132 14.06 -42.32 -18.97
C SER C 132 14.18 -41.67 -20.34
N LYS C 133 13.20 -41.89 -21.22
CA LYS C 133 13.12 -41.14 -22.46
C LYS C 133 12.66 -39.71 -22.25
N SER C 134 12.46 -39.29 -21.00
CA SER C 134 12.08 -37.92 -20.66
C SER C 134 13.06 -37.32 -19.67
N THR C 135 14.30 -37.81 -19.65
CA THR C 135 15.36 -37.27 -18.82
C THR C 135 16.56 -36.89 -19.67
N SER C 136 17.21 -35.80 -19.29
CA SER C 136 18.44 -35.31 -19.90
C SER C 136 19.58 -35.54 -18.90
N GLY C 137 20.55 -34.62 -18.89
CA GLY C 137 21.60 -34.69 -17.89
C GLY C 137 21.13 -34.14 -16.56
N GLY C 138 20.39 -34.95 -15.81
CA GLY C 138 19.83 -34.53 -14.54
C GLY C 138 18.48 -33.85 -14.63
N THR C 139 18.05 -33.47 -15.83
CA THR C 139 16.79 -32.76 -16.03
C THR C 139 15.75 -33.73 -16.59
N ALA C 140 14.58 -33.77 -15.95
CA ALA C 140 13.45 -34.53 -16.44
C ALA C 140 12.35 -33.59 -16.89
N ALA C 141 11.57 -34.03 -17.88
CA ALA C 141 10.44 -33.27 -18.40
C ALA C 141 9.15 -34.06 -18.18
N LEU C 142 8.09 -33.33 -17.83
CA LEU C 142 6.77 -33.91 -17.66
C LEU C 142 5.75 -32.87 -18.08
N GLY C 143 4.50 -33.28 -18.21
CA GLY C 143 3.47 -32.33 -18.59
C GLY C 143 2.09 -32.94 -18.67
N CYS C 144 1.20 -32.22 -19.34
CA CYS C 144 -0.19 -32.61 -19.52
C CYS C 144 -0.62 -32.27 -20.94
N LEU C 145 -1.41 -33.17 -21.53
CA LEU C 145 -1.99 -32.95 -22.85
C LEU C 145 -3.45 -32.57 -22.68
N VAL C 146 -3.82 -31.39 -23.18
CA VAL C 146 -5.16 -30.85 -23.04
C VAL C 146 -5.81 -30.91 -24.41
N LYS C 147 -6.72 -31.88 -24.60
CA LYS C 147 -7.15 -32.32 -25.91
C LYS C 147 -8.64 -32.09 -26.12
N ASP C 148 -8.98 -31.66 -27.33
CA ASP C 148 -10.36 -31.66 -27.85
C ASP C 148 -11.27 -30.72 -27.05
N TYR C 149 -10.95 -29.42 -27.15
CA TYR C 149 -11.79 -28.40 -26.52
C TYR C 149 -12.11 -27.29 -27.51
N PHE C 150 -13.17 -26.56 -27.21
CA PHE C 150 -13.62 -25.42 -28.01
C PHE C 150 -14.55 -24.59 -27.17
N PRO C 151 -14.42 -23.26 -27.19
CA PRO C 151 -13.37 -22.56 -27.92
C PRO C 151 -12.12 -22.39 -27.08
N GLU C 152 -11.17 -21.61 -27.58
CA GLU C 152 -10.06 -21.17 -26.76
C GLU C 152 -10.57 -20.16 -25.73
N PRO C 153 -9.82 -19.95 -24.63
CA PRO C 153 -8.57 -20.61 -24.26
C PRO C 153 -8.69 -21.59 -23.10
N VAL C 154 -7.62 -22.34 -22.87
CA VAL C 154 -7.42 -23.04 -21.61
C VAL C 154 -6.21 -22.43 -20.94
N THR C 155 -6.22 -22.41 -19.61
CA THR C 155 -5.06 -22.04 -18.81
C THR C 155 -4.56 -23.25 -18.05
N VAL C 156 -3.25 -23.32 -17.87
CA VAL C 156 -2.61 -24.43 -17.17
C VAL C 156 -1.65 -23.85 -16.14
N SER C 157 -1.86 -24.20 -14.88
CA SER C 157 -0.90 -23.94 -13.82
C SER C 157 -0.39 -25.27 -13.29
N TRP C 158 0.69 -25.21 -12.50
CA TRP C 158 1.30 -26.40 -11.95
C TRP C 158 1.40 -26.26 -10.44
N ASN C 159 0.92 -27.27 -9.73
CA ASN C 159 0.87 -27.28 -8.26
C ASN C 159 0.22 -26.01 -7.73
N SER C 160 -0.92 -25.65 -8.34
CA SER C 160 -1.72 -24.49 -7.95
C SER C 160 -0.90 -23.19 -7.97
N GLY C 161 0.04 -23.08 -8.90
CA GLY C 161 0.85 -21.90 -9.04
C GLY C 161 2.16 -21.91 -8.30
N ALA C 162 2.41 -22.93 -7.47
CA ALA C 162 3.68 -23.01 -6.74
C ALA C 162 4.85 -23.33 -7.68
N LEU C 163 4.59 -23.95 -8.82
CA LEU C 163 5.62 -24.34 -9.76
C LEU C 163 5.48 -23.50 -11.03
N THR C 164 6.41 -22.57 -11.23
CA THR C 164 6.41 -21.70 -12.40
C THR C 164 7.71 -21.75 -13.21
N SER C 165 8.84 -22.04 -12.57
CA SER C 165 10.11 -22.08 -13.27
C SER C 165 10.15 -23.27 -14.23
N GLY C 166 10.53 -23.02 -15.48
CA GLY C 166 10.66 -24.07 -16.46
C GLY C 166 9.36 -24.52 -17.10
N VAL C 167 8.25 -23.84 -16.83
CA VAL C 167 6.97 -24.20 -17.41
C VAL C 167 6.88 -23.65 -18.83
N HIS C 168 6.42 -24.49 -19.75
CA HIS C 168 6.16 -24.08 -21.13
C HIS C 168 4.76 -24.56 -21.51
N THR C 169 3.84 -23.62 -21.67
CA THR C 169 2.50 -23.91 -22.16
C THR C 169 2.40 -23.45 -23.61
N PHE C 170 2.22 -24.40 -24.51
CA PHE C 170 2.37 -24.13 -25.93
C PHE C 170 1.08 -23.56 -26.52
N PRO C 171 1.20 -22.80 -27.61
CA PRO C 171 -0.01 -22.40 -28.34
C PRO C 171 -0.81 -23.62 -28.77
N ALA C 172 -2.14 -23.49 -28.68
CA ALA C 172 -3.01 -24.57 -29.14
C ALA C 172 -2.86 -24.78 -30.64
N VAL C 173 -3.12 -26.00 -31.08
CA VAL C 173 -3.18 -26.33 -32.50
C VAL C 173 -4.63 -26.65 -32.84
N LEU C 174 -5.05 -26.27 -34.04
CA LEU C 174 -6.38 -26.61 -34.54
C LEU C 174 -6.31 -27.97 -35.21
N GLN C 175 -7.03 -28.94 -34.66
CA GLN C 175 -7.06 -30.28 -35.22
C GLN C 175 -8.06 -30.33 -36.37
N SER C 176 -7.96 -31.40 -37.17
CA SER C 176 -8.87 -31.57 -38.30
C SER C 176 -10.30 -31.80 -37.84
N SER C 177 -10.50 -32.19 -36.58
CA SER C 177 -11.83 -32.32 -36.01
C SER C 177 -12.50 -30.98 -35.74
N GLY C 178 -11.79 -29.88 -35.92
CA GLY C 178 -12.30 -28.57 -35.58
C GLY C 178 -12.13 -28.18 -34.12
N LEU C 179 -11.50 -29.03 -33.32
CA LEU C 179 -11.28 -28.79 -31.91
C LEU C 179 -9.81 -28.49 -31.65
N TYR C 180 -9.54 -27.82 -30.54
CA TYR C 180 -8.19 -27.41 -30.20
C TYR C 180 -7.51 -28.47 -29.33
N SER C 181 -6.18 -28.47 -29.37
CA SER C 181 -5.38 -29.34 -28.54
C SER C 181 -4.13 -28.58 -28.12
N LEU C 182 -3.73 -28.77 -26.86
CA LEU C 182 -2.64 -28.00 -26.28
C LEU C 182 -1.89 -28.88 -25.29
N SER C 183 -0.59 -28.62 -25.17
CA SER C 183 0.23 -29.28 -24.17
C SER C 183 0.93 -28.24 -23.30
N SER C 184 1.13 -28.60 -22.03
CA SER C 184 1.90 -27.80 -21.10
C SER C 184 2.92 -28.71 -20.44
N VAL C 185 4.18 -28.28 -20.42
CA VAL C 185 5.27 -29.08 -19.89
C VAL C 185 6.05 -28.26 -18.86
N VAL C 186 6.82 -28.97 -18.04
CA VAL C 186 7.73 -28.35 -17.08
C VAL C 186 8.92 -29.27 -16.91
N THR C 187 10.11 -28.67 -16.82
CA THR C 187 11.33 -29.42 -16.56
C THR C 187 11.70 -29.32 -15.08
N VAL C 188 12.12 -30.44 -14.52
CA VAL C 188 12.48 -30.52 -13.11
C VAL C 188 13.74 -31.37 -12.98
N PRO C 189 14.44 -31.25 -11.85
CA PRO C 189 15.56 -32.16 -11.59
C PRO C 189 15.06 -33.60 -11.50
N SER C 190 15.77 -34.51 -12.19
CA SER C 190 15.38 -35.90 -12.19
C SER C 190 15.37 -36.49 -10.78
N SER C 191 16.24 -35.98 -9.90
CA SER C 191 16.29 -36.44 -8.52
C SER C 191 15.01 -36.15 -7.74
N SER C 192 14.13 -35.30 -8.26
CA SER C 192 12.90 -34.91 -7.58
C SER C 192 11.69 -35.73 -8.04
N LEU C 193 11.86 -36.61 -9.01
CA LEU C 193 10.71 -37.28 -9.63
C LEU C 193 9.96 -38.15 -8.62
N GLY C 194 10.69 -38.81 -7.73
CA GLY C 194 10.06 -39.68 -6.75
C GLY C 194 9.71 -39.05 -5.42
N THR C 195 10.13 -37.79 -5.20
CA THR C 195 9.91 -37.13 -3.92
C THR C 195 8.85 -36.03 -3.97
N GLN C 196 8.45 -35.58 -5.16
CA GLN C 196 7.48 -34.50 -5.28
C GLN C 196 6.32 -34.94 -6.15
N THR C 197 5.12 -34.46 -5.82
CA THR C 197 3.94 -34.68 -6.63
C THR C 197 3.73 -33.50 -7.57
N TYR C 198 3.45 -33.80 -8.83
CA TYR C 198 3.27 -32.79 -9.86
C TYR C 198 1.86 -32.87 -10.42
N ILE C 199 1.10 -31.80 -10.27
CA ILE C 199 -0.29 -31.74 -10.70
C ILE C 199 -0.45 -30.54 -11.62
N CYS C 200 -1.00 -30.78 -12.81
CA CYS C 200 -1.38 -29.70 -13.71
C CYS C 200 -2.84 -29.31 -13.44
N ASN C 201 -3.08 -28.01 -13.32
CA ASN C 201 -4.41 -27.48 -13.09
C ASN C 201 -4.91 -26.85 -14.39
N VAL C 202 -5.89 -27.49 -15.01
CA VAL C 202 -6.41 -27.07 -16.31
C VAL C 202 -7.75 -26.39 -16.08
N ASN C 203 -7.92 -25.19 -16.63
CA ASN C 203 -9.15 -24.43 -16.51
C ASN C 203 -9.62 -24.05 -17.90
N HIS C 204 -10.84 -24.43 -18.25
CA HIS C 204 -11.48 -24.07 -19.51
C HIS C 204 -12.74 -23.29 -19.14
N LYS C 205 -12.60 -21.98 -18.98
CA LYS C 205 -13.72 -21.14 -18.54
C LYS C 205 -14.96 -21.25 -19.44
N PRO C 206 -14.87 -21.25 -20.77
CA PRO C 206 -16.11 -21.30 -21.57
C PRO C 206 -17.00 -22.49 -21.26
N SER C 207 -16.44 -23.61 -20.81
CA SER C 207 -17.23 -24.78 -20.46
C SER C 207 -17.33 -25.01 -18.96
N ASN C 208 -16.75 -24.13 -18.15
CA ASN C 208 -16.71 -24.27 -16.70
C ASN C 208 -16.12 -25.63 -16.30
N THR C 209 -15.00 -25.97 -16.94
CA THR C 209 -14.30 -27.23 -16.70
C THR C 209 -12.98 -26.95 -15.99
N LYS C 210 -12.87 -27.45 -14.76
CA LYS C 210 -11.61 -27.44 -14.02
C LYS C 210 -11.17 -28.89 -13.82
N VAL C 211 -9.95 -29.21 -14.25
CA VAL C 211 -9.41 -30.56 -14.13
C VAL C 211 -8.03 -30.47 -13.50
N ASP C 212 -7.81 -31.24 -12.45
CA ASP C 212 -6.50 -31.44 -11.85
C ASP C 212 -6.03 -32.85 -12.17
N LYS C 213 -4.84 -32.96 -12.75
CA LYS C 213 -4.30 -34.25 -13.20
C LYS C 213 -2.94 -34.47 -12.59
N LYS C 214 -2.81 -35.50 -11.76
CA LYS C 214 -1.52 -35.89 -11.22
C LYS C 214 -0.72 -36.63 -12.28
N VAL C 215 0.54 -36.22 -12.47
CA VAL C 215 1.42 -36.78 -13.49
C VAL C 215 2.42 -37.69 -12.80
N GLU C 216 2.31 -38.99 -13.05
CA GLU C 216 3.13 -39.98 -12.37
C GLU C 216 4.29 -40.42 -13.25
N PRO C 217 5.47 -40.60 -12.66
CA PRO C 217 6.63 -41.03 -13.45
C PRO C 217 6.57 -42.50 -13.84
N LYS C 218 7.28 -42.83 -14.91
CA LYS C 218 7.48 -44.21 -15.35
C LYS C 218 8.86 -44.75 -14.91
N SER C 219 8.82 -46.05 -14.61
CA SER C 219 10.01 -46.72 -14.10
C SER C 219 11.07 -46.90 -15.18
N CYS C 220 10.67 -47.21 -16.41
CA CYS C 220 11.62 -47.39 -17.50
C CYS C 220 12.26 -46.07 -17.89
N GLU D 1 -36.33 16.41 18.33
CA GLU D 1 -35.67 15.19 18.76
C GLU D 1 -36.00 14.01 17.85
N THR D 2 -35.04 13.11 17.68
CA THR D 2 -35.29 11.86 16.98
C THR D 2 -35.82 10.78 17.90
N GLY D 3 -35.47 10.83 19.19
CA GLY D 3 -36.01 9.93 20.18
C GLY D 3 -37.00 10.62 21.10
N ALA D 4 -36.94 10.29 22.39
CA ALA D 4 -37.82 10.92 23.36
C ALA D 4 -37.49 12.39 23.51
N LYS D 5 -38.53 13.19 23.79
CA LYS D 5 -38.36 14.63 23.96
C LYS D 5 -37.43 14.92 25.14
N VAL D 6 -36.41 15.73 24.90
CA VAL D 6 -35.51 16.17 25.96
C VAL D 6 -36.22 17.24 26.79
N THR D 7 -36.18 17.09 28.11
CA THR D 7 -36.88 17.99 29.02
C THR D 7 -35.89 18.52 30.05
N VAL D 8 -36.38 19.39 30.93
CA VAL D 8 -35.54 19.95 31.98
C VAL D 8 -35.13 18.89 33.00
N ASP D 9 -35.82 17.76 33.02
CA ASP D 9 -35.49 16.65 33.91
C ASP D 9 -34.54 15.66 33.26
N THR D 10 -34.17 15.88 32.00
CA THR D 10 -33.25 14.97 31.31
C THR D 10 -31.84 15.11 31.86
N VAL D 11 -31.18 13.98 32.07
CA VAL D 11 -29.79 13.94 32.48
C VAL D 11 -28.93 13.75 31.24
N CYS D 12 -28.05 14.70 30.96
CA CYS D 12 -27.10 14.59 29.87
C CYS D 12 -25.82 13.96 30.42
N LYS D 13 -25.60 12.69 30.08
CA LYS D 13 -24.44 11.98 30.59
C LYS D 13 -23.17 12.56 29.98
N ARG D 14 -22.29 13.09 30.83
CA ARG D 14 -21.10 13.82 30.40
C ARG D 14 -21.47 15.00 29.50
N GLY D 15 -22.61 15.63 29.78
CA GLY D 15 -23.06 16.78 29.04
C GLY D 15 -23.89 17.74 29.87
N PHE D 16 -24.51 18.72 29.22
CA PHE D 16 -25.35 19.68 29.91
C PHE D 16 -26.46 20.14 28.97
N LEU D 17 -27.58 20.57 29.56
CA LEU D 17 -28.73 20.99 28.79
C LEU D 17 -28.53 22.38 28.23
N ILE D 18 -29.01 22.60 27.00
CA ILE D 18 -29.11 23.92 26.40
C ILE D 18 -30.51 24.09 25.84
N GLN D 19 -30.93 25.34 25.68
CA GLN D 19 -32.26 25.67 25.21
C GLN D 19 -32.18 26.60 24.02
N MET D 20 -33.00 26.31 23.00
CA MET D 20 -33.25 27.22 21.89
C MET D 20 -34.74 27.54 21.87
N SER D 21 -35.18 28.24 20.84
CA SER D 21 -36.53 28.79 20.83
C SER D 21 -37.59 27.70 20.85
N GLY D 22 -37.27 26.49 20.37
CA GLY D 22 -38.29 25.47 20.29
C GLY D 22 -37.98 24.10 20.87
N HIS D 23 -36.82 23.93 21.53
CA HIS D 23 -36.48 22.62 22.07
C HIS D 23 -35.34 22.74 23.05
N LEU D 24 -35.10 21.64 23.77
CA LEU D 24 -33.93 21.42 24.61
C LEU D 24 -33.09 20.31 24.00
N GLU D 25 -31.77 20.40 24.16
CA GLU D 25 -30.89 19.32 23.73
C GLU D 25 -29.67 19.28 24.64
N CYS D 26 -28.95 18.16 24.57
CA CYS D 26 -27.74 17.96 25.35
C CYS D 26 -26.52 18.42 24.55
N LYS D 27 -25.62 19.14 25.23
CA LYS D 27 -24.34 19.52 24.67
C LYS D 27 -23.23 18.87 25.49
N CYS D 28 -22.18 18.41 24.81
CA CYS D 28 -21.17 17.58 25.43
C CYS D 28 -20.14 18.41 26.19
N GLU D 29 -19.59 17.80 27.25
CA GLU D 29 -18.46 18.36 27.95
C GLU D 29 -17.21 18.28 27.07
N ASN D 30 -16.35 19.30 27.19
CA ASN D 30 -15.07 19.40 26.47
C ASN D 30 -15.15 18.90 25.03
N ASP D 31 -14.36 17.88 24.69
CA ASP D 31 -14.24 17.41 23.31
C ASP D 31 -15.01 16.11 23.07
N LEU D 32 -15.98 15.77 23.92
CA LEU D 32 -16.75 14.56 23.72
C LEU D 32 -17.77 14.74 22.59
N VAL D 33 -18.28 13.62 22.11
CA VAL D 33 -19.26 13.62 21.01
C VAL D 33 -20.51 12.86 21.45
N LEU D 34 -21.64 13.27 20.89
CA LEU D 34 -22.91 12.62 21.19
C LEU D 34 -22.98 11.25 20.53
N VAL D 35 -23.23 10.21 21.33
CA VAL D 35 -23.55 8.89 20.78
C VAL D 35 -25.06 8.67 20.73
N ASN D 36 -25.83 9.40 21.53
CA ASN D 36 -27.26 9.56 21.37
C ASN D 36 -27.64 10.92 21.93
N GLU D 37 -28.94 11.21 22.00
CA GLU D 37 -29.37 12.53 22.40
C GLU D 37 -29.12 12.83 23.87
N GLU D 38 -28.71 11.84 24.66
CA GLU D 38 -28.48 12.04 26.09
C GLU D 38 -27.13 11.52 26.57
N THR D 39 -26.22 11.18 25.67
CA THR D 39 -24.97 10.53 26.08
C THR D 39 -23.81 11.07 25.25
N CYS D 40 -22.74 11.45 25.94
CA CYS D 40 -21.51 11.92 25.31
C CYS D 40 -20.37 10.97 25.65
N GLU D 41 -19.51 10.71 24.67
CA GLU D 41 -18.35 9.84 24.86
C GLU D 41 -17.18 10.39 24.06
N GLU D 42 -16.00 9.81 24.31
CA GLU D 42 -14.83 10.13 23.51
C GLU D 42 -14.97 9.54 22.11
N LYS D 43 -14.43 10.26 21.13
CA LYS D 43 -14.48 9.82 19.74
C LYS D 43 -13.12 9.29 19.29
N VAL D 44 -13.15 8.34 18.37
CA VAL D 44 -11.93 7.96 17.66
C VAL D 44 -11.68 8.94 16.52
N LEU D 45 -10.43 8.99 16.07
CA LEU D 45 -10.03 9.93 15.04
C LEU D 45 -9.79 9.28 13.68
N LYS D 46 -9.80 7.95 13.60
CA LYS D 46 -9.65 7.25 12.34
C LYS D 46 -10.54 6.01 12.35
N CYS D 47 -11.27 5.80 11.26
CA CYS D 47 -12.15 4.65 11.11
C CYS D 47 -11.43 3.55 10.34
N ASP D 48 -11.30 2.38 10.97
CA ASP D 48 -10.75 1.21 10.32
C ASP D 48 -11.24 -0.03 11.07
N GLU D 49 -10.66 -1.19 10.75
CA GLU D 49 -11.09 -2.45 11.35
C GLU D 49 -11.00 -2.41 12.87
N LYS D 50 -10.02 -1.70 13.42
CA LYS D 50 -9.82 -1.69 14.87
C LYS D 50 -10.85 -0.81 15.58
N THR D 51 -11.35 0.24 14.93
CA THR D 51 -12.25 1.19 15.55
C THR D 51 -13.68 1.09 15.03
N VAL D 52 -14.04 -0.05 14.41
CA VAL D 52 -15.38 -0.20 13.87
C VAL D 52 -16.40 -0.10 15.00
N ASN D 53 -17.52 0.57 14.70
CA ASN D 53 -18.66 0.80 15.59
C ASN D 53 -18.34 1.75 16.73
N LYS D 54 -17.13 2.31 16.78
CA LYS D 54 -16.80 3.31 17.78
C LYS D 54 -17.28 4.69 17.33
N PRO D 55 -17.61 5.57 18.27
CA PRO D 55 -18.05 6.92 17.89
C PRO D 55 -16.92 7.70 17.23
N CYS D 56 -17.25 8.37 16.13
CA CYS D 56 -16.32 9.23 15.42
C CYS D 56 -16.82 10.66 15.30
N GLY D 57 -17.96 10.97 15.89
CA GLY D 57 -18.54 12.30 15.81
C GLY D 57 -19.94 12.28 16.37
N ASP D 58 -20.56 13.46 16.38
CA ASP D 58 -21.93 13.57 16.84
C ASP D 58 -22.85 12.72 15.98
N PHE D 59 -23.48 11.73 16.60
CA PHE D 59 -24.44 10.83 15.94
C PHE D 59 -23.80 10.07 14.77
N SER D 60 -22.52 9.74 14.88
CA SER D 60 -21.84 8.98 13.83
C SER D 60 -20.91 7.95 14.45
N LYS D 61 -20.74 6.83 13.73
CA LYS D 61 -19.83 5.77 14.14
C LYS D 61 -19.01 5.33 12.94
N CYS D 62 -17.88 4.69 13.21
CA CYS D 62 -17.11 4.02 12.17
C CYS D 62 -17.87 2.78 11.71
N ILE D 63 -18.25 2.76 10.44
CA ILE D 63 -19.09 1.71 9.88
C ILE D 63 -18.32 0.98 8.79
N LYS D 64 -18.41 -0.35 8.80
CA LYS D 64 -17.81 -1.17 7.74
C LYS D 64 -18.56 -0.96 6.43
N ILE D 65 -17.82 -0.60 5.38
CA ILE D 65 -18.39 -0.38 4.05
C ILE D 65 -18.07 -1.59 3.20
N ASP D 66 -19.11 -2.19 2.61
CA ASP D 66 -18.98 -3.44 1.85
C ASP D 66 -18.64 -3.12 0.39
N GLY D 67 -17.45 -2.58 0.21
CA GLY D 67 -16.98 -2.16 -1.10
C GLY D 67 -16.01 -3.14 -1.74
N ASN D 68 -15.34 -2.67 -2.80
CA ASN D 68 -14.45 -3.47 -3.64
C ASN D 68 -13.45 -4.24 -2.77
N PRO D 69 -12.51 -3.59 -2.05
CA PRO D 69 -12.09 -4.18 -0.78
C PRO D 69 -12.87 -3.54 0.35
N VAL D 70 -13.01 -4.22 1.48
CA VAL D 70 -13.77 -3.65 2.60
C VAL D 70 -13.06 -2.39 3.09
N SER D 71 -13.83 -1.35 3.35
CA SER D 71 -13.32 -0.11 3.91
C SER D 71 -14.17 0.30 5.11
N TYR D 72 -13.80 1.42 5.71
CA TYR D 72 -14.47 1.91 6.91
C TYR D 72 -14.57 3.42 6.83
N ALA D 73 -15.73 3.96 7.21
CA ALA D 73 -15.98 5.39 7.12
C ALA D 73 -16.81 5.84 8.30
N CYS D 74 -16.59 7.09 8.71
CA CYS D 74 -17.45 7.72 9.71
C CYS D 74 -18.82 7.99 9.10
N LYS D 75 -19.83 7.28 9.57
CA LYS D 75 -21.15 7.31 8.96
C LYS D 75 -22.19 7.66 10.02
N CYS D 76 -23.16 8.48 9.64
CA CYS D 76 -24.18 8.93 10.59
C CYS D 76 -25.04 7.77 11.05
N ASN D 77 -25.47 7.84 12.31
CA ASN D 77 -26.34 6.83 12.87
C ASN D 77 -27.66 6.77 12.10
N LEU D 78 -28.41 5.69 12.34
CA LEU D 78 -29.75 5.57 11.79
C LEU D 78 -30.57 6.81 12.14
N GLY D 79 -31.21 7.39 11.13
CA GLY D 79 -31.99 8.59 11.30
C GLY D 79 -31.27 9.89 10.96
N TYR D 80 -29.97 9.83 10.66
CA TYR D 80 -29.18 11.02 10.40
C TYR D 80 -28.47 10.91 9.06
N ASP D 81 -28.15 12.07 8.49
CA ASP D 81 -27.44 12.16 7.21
C ASP D 81 -26.37 13.23 7.31
N MET D 82 -25.28 13.03 6.57
CA MET D 82 -24.20 14.01 6.53
C MET D 82 -24.64 15.21 5.71
N VAL D 83 -24.63 16.39 6.33
CA VAL D 83 -24.88 17.66 5.65
C VAL D 83 -23.84 18.65 6.16
N ASN D 84 -23.03 19.18 5.24
CA ASN D 84 -21.90 20.04 5.60
C ASN D 84 -21.00 19.36 6.64
N ASN D 85 -20.78 18.06 6.45
CA ASN D 85 -19.87 17.25 7.26
C ASN D 85 -20.31 17.12 8.72
N VAL D 86 -21.61 17.29 9.00
CA VAL D 86 -22.16 17.01 10.32
C VAL D 86 -23.45 16.23 10.15
N CYS D 87 -23.77 15.41 11.14
CA CYS D 87 -24.94 14.54 11.09
C CYS D 87 -26.17 15.30 11.58
N ILE D 88 -27.17 15.40 10.72
CA ILE D 88 -28.45 16.03 11.07
C ILE D 88 -29.57 15.07 10.69
N PRO D 89 -30.75 15.22 11.28
CA PRO D 89 -31.87 14.35 10.93
C PRO D 89 -32.16 14.39 9.44
N ASN D 90 -32.45 13.21 8.88
CA ASN D 90 -32.73 13.09 7.44
C ASN D 90 -33.77 14.09 6.97
N GLU D 91 -34.88 14.22 7.71
CA GLU D 91 -35.95 15.12 7.32
C GLU D 91 -35.54 16.59 7.38
N CYS D 92 -34.33 16.88 7.86
CA CYS D 92 -33.76 18.22 7.84
C CYS D 92 -32.81 18.46 6.67
N LYS D 93 -32.65 17.46 5.78
CA LYS D 93 -31.71 17.56 4.67
C LYS D 93 -31.83 18.89 3.93
N GLN D 94 -33.04 19.27 3.53
CA GLN D 94 -33.26 20.46 2.72
C GLN D 94 -33.80 21.64 3.51
N VAL D 95 -33.81 21.56 4.84
CA VAL D 95 -34.36 22.62 5.67
C VAL D 95 -33.24 23.59 6.02
N THR D 96 -33.46 24.87 5.73
CA THR D 96 -32.53 25.94 6.09
C THR D 96 -33.24 26.90 7.02
N CYS D 97 -32.61 27.18 8.17
CA CYS D 97 -33.24 27.96 9.22
C CYS D 97 -32.58 29.30 9.51
N GLY D 98 -31.34 29.51 9.06
CA GLY D 98 -30.67 30.77 9.33
C GLY D 98 -30.16 30.89 10.75
N ASN D 99 -30.77 31.77 11.54
CA ASN D 99 -30.36 31.97 12.93
C ASN D 99 -30.94 30.89 13.83
N GLY D 100 -30.63 29.64 13.49
CA GLY D 100 -31.15 28.51 14.24
C GLY D 100 -30.78 27.21 13.55
N LYS D 101 -31.47 26.14 13.95
CA LYS D 101 -31.21 24.81 13.43
C LYS D 101 -32.51 24.06 13.25
N CYS D 102 -32.48 23.06 12.38
CA CYS D 102 -33.64 22.22 12.13
C CYS D 102 -33.67 21.05 13.09
N ILE D 103 -34.86 20.75 13.62
CA ILE D 103 -35.09 19.61 14.50
C ILE D 103 -36.32 18.87 14.01
N LEU D 104 -36.44 17.62 14.44
CA LEU D 104 -37.65 16.85 14.19
C LEU D 104 -38.77 17.32 15.12
N ASP D 105 -39.98 17.38 14.60
CA ASP D 105 -41.13 17.89 15.35
C ASP D 105 -41.71 16.73 16.15
N THR D 106 -41.47 16.75 17.46
CA THR D 106 -41.94 15.67 18.33
C THR D 106 -43.45 15.67 18.51
N SER D 107 -44.14 16.73 18.07
CA SER D 107 -45.60 16.80 18.15
C SER D 107 -46.28 16.28 16.89
N ASN D 108 -45.52 15.85 15.89
CA ASN D 108 -46.06 15.43 14.61
C ASN D 108 -45.75 13.95 14.41
N PRO D 109 -46.77 13.09 14.24
CA PRO D 109 -46.48 11.68 13.97
C PRO D 109 -45.78 11.47 12.64
N VAL D 110 -45.98 12.35 11.68
CA VAL D 110 -45.20 12.34 10.45
C VAL D 110 -43.87 13.03 10.70
N LYS D 111 -42.78 12.35 10.38
CA LYS D 111 -41.45 12.88 10.64
C LYS D 111 -41.21 14.12 9.80
N THR D 112 -41.03 15.26 10.45
CA THR D 112 -40.98 16.54 9.78
C THR D 112 -39.98 17.45 10.48
N GLY D 113 -39.16 18.13 9.69
CA GLY D 113 -38.19 19.08 10.23
C GLY D 113 -38.81 20.47 10.41
N VAL D 114 -38.51 21.07 11.56
CA VAL D 114 -38.96 22.42 11.87
C VAL D 114 -37.76 23.19 12.42
N CYS D 115 -37.82 24.50 12.31
CA CYS D 115 -36.74 25.37 12.75
C CYS D 115 -36.88 25.70 14.23
N SER D 116 -35.78 25.56 14.97
CA SER D 116 -35.67 26.03 16.35
C SER D 116 -34.55 27.06 16.38
N CYS D 117 -34.85 28.23 16.92
CA CYS D 117 -34.07 29.42 16.64
C CYS D 117 -33.16 29.80 17.80
N ASN D 118 -32.10 30.55 17.47
CA ASN D 118 -31.26 31.18 18.48
C ASN D 118 -32.11 32.02 19.43
N ILE D 119 -31.68 32.11 20.68
CA ILE D 119 -32.39 32.94 21.64
C ILE D 119 -32.37 34.38 21.18
N GLY D 120 -33.55 34.92 20.88
CA GLY D 120 -33.66 36.24 20.27
C GLY D 120 -34.52 36.20 19.02
N LYS D 121 -34.54 35.05 18.35
CA LYS D 121 -35.30 34.88 17.12
C LYS D 121 -36.36 33.81 17.31
N VAL D 122 -37.35 33.85 16.42
CA VAL D 122 -38.44 32.86 16.39
C VAL D 122 -38.78 32.56 14.94
N PRO D 123 -39.41 31.41 14.68
CA PRO D 123 -39.83 31.09 13.31
C PRO D 123 -40.69 32.19 12.70
N ASN D 124 -40.35 32.58 11.48
CA ASN D 124 -40.99 33.70 10.80
C ASN D 124 -41.94 33.13 9.74
N VAL D 125 -43.24 33.15 10.05
CA VAL D 125 -44.24 32.65 9.12
C VAL D 125 -44.24 33.45 7.82
N GLN D 126 -43.78 34.70 7.85
CA GLN D 126 -43.66 35.50 6.64
C GLN D 126 -42.48 35.05 5.79
N ASP D 127 -41.52 34.34 6.36
CA ASP D 127 -40.26 34.01 5.68
C ASP D 127 -39.99 32.51 5.78
N GLN D 128 -40.97 31.71 5.36
CA GLN D 128 -40.85 30.25 5.26
C GLN D 128 -40.47 29.61 6.59
N ASN D 129 -40.92 30.22 7.70
CA ASN D 129 -40.68 29.69 9.05
C ASN D 129 -39.19 29.62 9.37
N LYS D 130 -38.40 30.48 8.75
CA LYS D 130 -36.98 30.59 9.09
C LYS D 130 -36.80 31.52 10.29
N CYS D 131 -35.59 31.50 10.84
CA CYS D 131 -35.30 32.23 12.08
C CYS D 131 -34.87 33.67 11.77
N SER D 132 -35.80 34.41 11.16
CA SER D 132 -35.56 35.80 10.79
C SER D 132 -36.42 36.79 11.57
N LYS D 133 -37.43 36.32 12.30
CA LYS D 133 -38.27 37.20 13.09
C LYS D 133 -37.72 37.30 14.51
N ASP D 134 -37.62 38.53 15.01
CA ASP D 134 -37.20 38.73 16.39
C ASP D 134 -38.32 38.35 17.35
N GLY D 135 -37.97 37.64 18.42
CA GLY D 135 -38.96 37.16 19.37
C GLY D 135 -38.34 36.60 20.63
N GLU D 136 -39.05 36.71 21.74
CA GLU D 136 -38.52 36.30 23.03
C GLU D 136 -38.84 34.84 23.31
N THR D 137 -37.95 34.20 24.08
CA THR D 137 -38.15 32.83 24.54
C THR D 137 -37.87 32.79 26.04
N LYS D 138 -38.83 32.26 26.81
CA LYS D 138 -38.65 32.11 28.24
C LYS D 138 -37.79 30.87 28.52
N CYS D 139 -36.75 31.05 29.33
CA CYS D 139 -35.85 29.94 29.63
C CYS D 139 -36.50 28.98 30.62
N SER D 140 -36.40 27.69 30.34
CA SER D 140 -36.98 26.64 31.17
C SER D 140 -35.98 25.99 32.12
N LEU D 141 -34.69 26.24 31.93
CA LEU D 141 -33.66 25.56 32.72
C LEU D 141 -33.75 25.97 34.18
N LYS D 142 -33.53 24.99 35.07
CA LYS D 142 -33.61 25.26 36.51
C LYS D 142 -32.33 25.93 37.02
N CYS D 143 -31.18 25.38 36.66
CA CYS D 143 -29.87 25.92 37.05
C CYS D 143 -29.74 25.98 38.58
N LEU D 144 -29.69 24.79 39.17
CA LEU D 144 -29.62 24.63 40.61
C LEU D 144 -28.19 24.54 41.14
N LYS D 145 -27.18 24.66 40.27
CA LYS D 145 -25.81 24.59 40.72
C LYS D 145 -25.42 25.89 41.43
N GLU D 146 -24.30 25.82 42.16
CA GLU D 146 -23.86 26.92 43.02
C GLU D 146 -23.79 28.24 42.26
N GLN D 147 -24.63 29.18 42.68
CA GLN D 147 -24.63 30.56 42.16
C GLN D 147 -24.72 30.57 40.63
N GLU D 148 -25.63 29.76 40.09
CA GLU D 148 -25.84 29.66 38.67
C GLU D 148 -27.27 30.04 38.31
N THR D 149 -27.42 30.54 37.08
CA THR D 149 -28.73 30.91 36.56
C THR D 149 -28.70 30.76 35.05
N CYS D 150 -29.89 30.74 34.45
CA CYS D 150 -29.98 30.61 33.00
C CYS D 150 -29.53 31.90 32.32
N LYS D 151 -28.51 31.80 31.47
CA LYS D 151 -28.00 32.93 30.73
C LYS D 151 -27.93 32.59 29.24
N ALA D 152 -27.99 33.63 28.42
CA ALA D 152 -27.88 33.47 26.96
C ALA D 152 -26.42 33.61 26.57
N VAL D 153 -25.86 32.57 25.97
CA VAL D 153 -24.45 32.52 25.58
C VAL D 153 -24.38 32.07 24.14
N ASP D 154 -23.99 32.97 23.24
CA ASP D 154 -23.77 32.66 21.83
C ASP D 154 -25.00 32.06 21.17
N GLY D 155 -26.16 32.66 21.45
CA GLY D 155 -27.39 32.29 20.79
C GLY D 155 -28.19 31.18 21.44
N ILE D 156 -27.70 30.58 22.53
CA ILE D 156 -28.41 29.51 23.20
C ILE D 156 -28.50 29.80 24.69
N TYR D 157 -29.50 29.22 25.34
CA TYR D 157 -29.64 29.28 26.78
C TYR D 157 -28.84 28.15 27.42
N LYS D 158 -28.07 28.49 28.45
CA LYS D 158 -27.39 27.48 29.25
C LYS D 158 -27.27 28.00 30.67
N CYS D 159 -27.14 27.07 31.62
CA CYS D 159 -26.83 27.46 32.98
C CYS D 159 -25.41 27.99 33.05
N ASP D 160 -25.26 29.19 33.61
CA ASP D 160 -23.96 29.83 33.71
C ASP D 160 -23.91 30.65 34.99
N CYS D 161 -22.77 31.29 35.23
CA CYS D 161 -22.54 32.01 36.48
C CYS D 161 -23.45 33.22 36.58
N LYS D 162 -23.95 33.47 37.80
CA LYS D 162 -24.81 34.61 38.07
C LYS D 162 -24.03 35.92 37.96
N ASP D 163 -24.74 37.02 38.22
CA ASP D 163 -24.13 38.35 38.20
C ASP D 163 -23.02 38.47 39.23
N GLY D 164 -21.79 38.59 38.77
CA GLY D 164 -20.65 38.78 39.66
C GLY D 164 -19.89 37.52 40.03
N PHE D 165 -20.04 36.45 39.24
CA PHE D 165 -19.39 35.17 39.53
C PHE D 165 -18.76 34.64 38.25
N ILE D 166 -17.67 33.90 38.40
CA ILE D 166 -17.04 33.22 37.28
C ILE D 166 -16.61 31.82 37.71
N ILE D 173 -16.67 25.70 39.21
CA ILE D 173 -17.63 26.35 40.10
C ILE D 173 -17.59 27.86 39.90
N CYS D 174 -18.72 28.51 40.15
CA CYS D 174 -18.85 29.96 40.02
C CYS D 174 -18.45 30.61 41.33
N THR D 175 -17.32 31.33 41.32
CA THR D 175 -16.86 32.05 42.51
C THR D 175 -16.67 33.53 42.20
N GLY D 176 -15.51 33.87 41.66
CA GLY D 176 -15.21 35.25 41.31
C GLY D 176 -15.16 36.20 42.48
N ASP E 1 1.56 5.46 42.90
CA ASP E 1 1.38 4.58 41.75
C ASP E 1 0.01 3.90 41.79
N ILE E 2 -0.60 3.73 40.63
CA ILE E 2 -1.81 2.93 40.50
C ILE E 2 -1.39 1.47 40.27
N GLN E 3 -2.04 0.55 40.98
CA GLN E 3 -1.55 -0.82 41.08
C GLN E 3 -2.21 -1.71 40.04
N MET E 4 -1.41 -2.28 39.16
CA MET E 4 -1.79 -3.41 38.33
C MET E 4 -0.87 -4.58 38.63
N THR E 5 -1.35 -5.79 38.34
CA THR E 5 -0.56 -7.00 38.55
C THR E 5 -0.53 -7.83 37.27
N GLN E 6 0.59 -8.52 37.06
CA GLN E 6 0.73 -9.52 36.02
C GLN E 6 1.39 -10.75 36.61
N SER E 7 0.91 -11.92 36.22
CA SER E 7 1.44 -13.18 36.75
C SER E 7 1.61 -14.18 35.62
N PRO E 8 2.75 -14.91 35.61
CA PRO E 8 3.88 -14.69 36.52
C PRO E 8 4.72 -13.49 36.10
N SER E 9 5.70 -13.11 36.91
CA SER E 9 6.61 -12.03 36.50
C SER E 9 7.57 -12.50 35.43
N SER E 10 7.91 -13.79 35.43
CA SER E 10 8.70 -14.38 34.36
C SER E 10 8.38 -15.87 34.28
N LEU E 11 8.72 -16.47 33.14
CA LEU E 11 8.51 -17.89 32.95
C LEU E 11 9.47 -18.41 31.89
N SER E 12 9.77 -19.69 31.97
CA SER E 12 10.64 -20.37 31.00
C SER E 12 9.89 -21.59 30.47
N ALA E 13 9.66 -21.63 29.17
CA ALA E 13 8.86 -22.68 28.55
C ALA E 13 9.54 -23.21 27.30
N SER E 14 9.15 -24.43 26.92
CA SER E 14 9.66 -25.03 25.70
C SER E 14 8.85 -24.56 24.50
N VAL E 15 9.47 -24.61 23.32
CA VAL E 15 8.73 -24.29 22.10
C VAL E 15 7.62 -25.34 21.93
N GLY E 16 6.44 -24.86 21.55
CA GLY E 16 5.26 -25.69 21.49
C GLY E 16 4.40 -25.67 22.73
N ASP E 17 4.94 -25.18 23.84
CA ASP E 17 4.17 -25.14 25.09
C ASP E 17 3.04 -24.12 25.00
N ARG E 18 1.97 -24.38 25.73
CA ARG E 18 0.92 -23.40 25.92
C ARG E 18 1.30 -22.45 27.06
N VAL E 19 1.28 -21.15 26.77
CA VAL E 19 1.68 -20.13 27.74
C VAL E 19 0.46 -19.26 28.05
N THR E 20 0.13 -19.14 29.33
CA THR E 20 -0.97 -18.32 29.78
C THR E 20 -0.47 -17.29 30.77
N ILE E 21 -0.76 -16.02 30.51
CA ILE E 21 -0.38 -14.90 31.36
C ILE E 21 -1.65 -14.22 31.83
N THR E 22 -1.66 -13.78 33.08
CA THR E 22 -2.81 -13.10 33.66
C THR E 22 -2.47 -11.65 33.97
N CYS E 23 -3.51 -10.82 34.00
CA CYS E 23 -3.39 -9.40 34.29
C CYS E 23 -4.62 -8.98 35.08
N GLN E 24 -4.41 -8.20 36.14
CA GLN E 24 -5.50 -7.64 36.93
C GLN E 24 -5.42 -6.12 36.89
N ALA E 25 -6.45 -5.48 36.35
CA ALA E 25 -6.49 -4.04 36.28
C ALA E 25 -6.71 -3.44 37.66
N SER E 26 -6.50 -2.13 37.76
CA SER E 26 -6.66 -1.43 39.03
C SER E 26 -8.12 -1.21 39.38
N GLN E 27 -9.03 -1.34 38.42
CA GLN E 27 -10.45 -1.12 38.63
C GLN E 27 -11.20 -1.79 37.49
N ASP E 28 -12.53 -1.72 37.55
CA ASP E 28 -13.34 -2.23 36.46
C ASP E 28 -13.16 -1.31 35.25
N ILE E 29 -12.58 -1.85 34.19
CA ILE E 29 -12.31 -1.12 32.96
C ILE E 29 -13.06 -1.70 31.77
N SER E 30 -14.06 -2.56 32.01
CA SER E 30 -14.77 -3.28 30.96
C SER E 30 -13.78 -4.01 30.06
N ASN E 31 -13.71 -3.60 28.79
CA ASN E 31 -12.82 -4.23 27.83
C ASN E 31 -11.66 -3.33 27.41
N PHE E 32 -11.44 -2.22 28.10
CA PHE E 32 -10.34 -1.30 27.76
C PHE E 32 -9.01 -1.83 28.29
N LEU E 33 -8.62 -3.00 27.78
CA LEU E 33 -7.34 -3.61 28.17
C LEU E 33 -6.68 -4.18 26.93
N ASN E 34 -5.41 -3.84 26.74
CA ASN E 34 -4.67 -4.21 25.54
C ASN E 34 -3.39 -4.92 25.96
N TRP E 35 -2.87 -5.75 25.05
CA TRP E 35 -1.67 -6.54 25.29
C TRP E 35 -0.59 -6.16 24.29
N TYR E 36 0.61 -5.91 24.79
CA TYR E 36 1.74 -5.54 23.95
C TYR E 36 2.87 -6.57 24.11
N GLN E 37 3.61 -6.77 23.04
CA GLN E 37 4.79 -7.62 23.02
C GLN E 37 6.00 -6.75 22.75
N GLN E 38 6.96 -6.75 23.67
CA GLN E 38 8.19 -5.98 23.53
C GLN E 38 9.37 -6.94 23.43
N LYS E 39 9.90 -7.09 22.23
CA LYS E 39 11.10 -7.86 22.00
C LYS E 39 12.34 -7.04 22.36
N PRO E 40 13.45 -7.70 22.73
CA PRO E 40 14.60 -6.97 23.27
C PRO E 40 15.08 -5.85 22.36
N GLY E 41 15.26 -4.67 22.94
CA GLY E 41 15.74 -3.51 22.19
C GLY E 41 14.75 -2.91 21.22
N LYS E 42 13.50 -3.37 21.24
CA LYS E 42 12.50 -2.90 20.29
C LYS E 42 11.37 -2.20 21.03
N ALA E 43 10.62 -1.39 20.28
CA ALA E 43 9.42 -0.78 20.82
C ALA E 43 8.35 -1.85 21.07
N PRO E 44 7.45 -1.61 22.02
CA PRO E 44 6.32 -2.54 22.21
C PRO E 44 5.48 -2.63 20.95
N LYS E 45 4.92 -3.81 20.73
CA LYS E 45 4.07 -4.09 19.58
C LYS E 45 2.71 -4.54 20.05
N LEU E 46 1.66 -3.85 19.60
CA LEU E 46 0.30 -4.21 19.99
C LEU E 46 -0.10 -5.55 19.36
N LEU E 47 -0.50 -6.50 20.21
CA LEU E 47 -1.01 -7.79 19.75
C LEU E 47 -2.51 -7.93 19.94
N ILE E 48 -3.02 -7.57 21.10
CA ILE E 48 -4.43 -7.70 21.43
C ILE E 48 -4.95 -6.34 21.87
N TYR E 49 -6.09 -5.93 21.31
CA TYR E 49 -6.74 -4.70 21.71
C TYR E 49 -8.19 -4.99 22.08
N ASP E 50 -8.73 -4.16 22.96
CA ASP E 50 -10.09 -4.33 23.48
C ASP E 50 -10.28 -5.75 24.03
N ALA E 51 -9.30 -6.17 24.83
CA ALA E 51 -9.33 -7.41 25.62
C ALA E 51 -9.16 -8.67 24.78
N SER E 52 -9.80 -8.75 23.61
CA SER E 52 -9.85 -10.01 22.89
C SER E 52 -9.68 -9.90 21.39
N ASN E 53 -9.44 -8.72 20.83
CA ASN E 53 -9.35 -8.56 19.38
C ASN E 53 -7.90 -8.67 18.93
N LEU E 54 -7.66 -9.56 17.97
CA LEU E 54 -6.31 -9.79 17.45
C LEU E 54 -5.93 -8.68 16.48
N GLU E 55 -4.78 -8.06 16.71
CA GLU E 55 -4.26 -7.06 15.80
C GLU E 55 -4.04 -7.67 14.41
N THR E 56 -4.28 -6.86 13.38
CA THR E 56 -4.17 -7.33 12.01
C THR E 56 -2.77 -7.85 11.73
N GLY E 57 -2.69 -9.07 11.19
CA GLY E 57 -1.43 -9.69 10.85
C GLY E 57 -0.76 -10.46 11.95
N VAL E 58 -1.30 -10.44 13.17
CA VAL E 58 -0.72 -11.16 14.30
C VAL E 58 -1.11 -12.63 14.17
N PRO E 59 -0.17 -13.56 14.39
CA PRO E 59 -0.51 -14.99 14.27
C PRO E 59 -1.67 -15.38 15.17
N SER E 60 -2.44 -16.37 14.70
CA SER E 60 -3.63 -16.83 15.42
C SER E 60 -3.31 -17.52 16.74
N ARG E 61 -2.04 -17.86 16.99
CA ARG E 61 -1.70 -18.49 18.26
C ARG E 61 -1.80 -17.53 19.44
N PHE E 62 -1.89 -16.22 19.19
CA PHE E 62 -2.06 -15.24 20.24
C PHE E 62 -3.54 -14.96 20.46
N SER E 63 -3.95 -14.86 21.72
CA SER E 63 -5.34 -14.55 22.04
C SER E 63 -5.40 -13.88 23.40
N GLY E 64 -6.53 -13.23 23.66
CA GLY E 64 -6.80 -12.63 24.94
C GLY E 64 -8.26 -12.76 25.29
N SER E 65 -8.53 -12.82 26.59
CA SER E 65 -9.91 -12.91 27.07
C SER E 65 -10.04 -12.15 28.37
N GLY E 66 -11.28 -11.97 28.80
CA GLY E 66 -11.57 -11.31 30.06
C GLY E 66 -12.34 -10.02 29.89
N SER E 67 -12.95 -9.56 30.98
CA SER E 67 -13.70 -8.31 30.98
C SER E 67 -13.84 -7.84 32.41
N GLY E 68 -13.79 -6.52 32.61
CA GLY E 68 -13.89 -5.98 33.95
C GLY E 68 -12.53 -5.77 34.61
N THR E 69 -12.05 -6.79 35.34
CA THR E 69 -10.83 -6.62 36.12
C THR E 69 -9.80 -7.72 35.86
N ASP E 70 -10.26 -8.93 35.55
CA ASP E 70 -9.38 -10.09 35.41
C ASP E 70 -9.26 -10.47 33.95
N PHE E 71 -8.03 -10.51 33.45
CA PHE E 71 -7.76 -10.75 32.03
C PHE E 71 -6.64 -11.78 31.89
N THR E 72 -6.69 -12.52 30.79
CA THR E 72 -5.66 -13.50 30.47
C THR E 72 -5.16 -13.31 29.05
N PHE E 73 -3.90 -13.67 28.83
CA PHE E 73 -3.26 -13.65 27.53
C PHE E 73 -2.65 -15.02 27.29
N THR E 74 -2.86 -15.57 26.09
CA THR E 74 -2.51 -16.96 25.80
C THR E 74 -1.73 -17.06 24.51
N ILE E 75 -0.60 -17.75 24.56
CA ILE E 75 0.12 -18.21 23.37
C ILE E 75 -0.12 -19.71 23.28
N SER E 76 -0.89 -20.14 22.28
CA SER E 76 -1.31 -21.53 22.22
C SER E 76 -0.13 -22.47 21.99
N SER E 77 0.93 -22.00 21.34
CA SER E 77 2.07 -22.85 21.05
C SER E 77 3.29 -21.94 20.89
N LEU E 78 4.13 -21.90 21.92
CA LEU E 78 5.23 -20.94 21.96
C LEU E 78 6.22 -21.22 20.84
N GLN E 79 6.59 -20.17 20.11
CA GLN E 79 7.56 -20.26 19.03
C GLN E 79 8.84 -19.54 19.42
N PRO E 80 9.97 -19.88 18.78
CA PRO E 80 11.24 -19.23 19.14
C PRO E 80 11.20 -17.70 19.08
N GLU E 81 10.50 -17.13 18.08
CA GLU E 81 10.45 -15.68 17.95
C GLU E 81 9.53 -15.02 18.96
N ASP E 82 8.88 -15.78 19.84
CA ASP E 82 7.92 -15.22 20.79
C ASP E 82 8.57 -14.75 22.10
N ILE E 83 9.88 -14.93 22.25
CA ILE E 83 10.54 -14.45 23.46
C ILE E 83 10.47 -12.93 23.50
N ALA E 84 10.03 -12.40 24.63
CA ALA E 84 9.72 -10.98 24.79
C ALA E 84 9.15 -10.77 26.18
N THR E 85 9.03 -9.51 26.56
CA THR E 85 8.25 -9.13 27.73
C THR E 85 6.87 -8.68 27.27
N TYR E 86 5.83 -9.22 27.89
CA TYR E 86 4.45 -8.93 27.52
C TYR E 86 3.82 -8.05 28.58
N TYR E 87 3.22 -6.94 28.15
CA TYR E 87 2.58 -5.98 29.02
C TYR E 87 1.10 -5.90 28.71
N CYS E 88 0.26 -5.91 29.75
CA CYS E 88 -1.10 -5.46 29.59
C CYS E 88 -1.15 -3.95 29.83
N GLN E 89 -2.19 -3.32 29.30
CA GLN E 89 -2.32 -1.87 29.40
C GLN E 89 -3.79 -1.51 29.49
N GLN E 90 -4.14 -0.79 30.55
CA GLN E 90 -5.52 -0.39 30.80
C GLN E 90 -5.73 1.07 30.42
N TYR E 91 -7.00 1.42 30.24
CA TYR E 91 -7.43 2.79 29.99
C TYR E 91 -8.64 3.04 30.89
N ASP E 92 -8.49 3.90 31.89
CA ASP E 92 -9.49 4.05 32.94
C ASP E 92 -10.43 5.21 32.63
N ASN E 93 -11.34 5.47 33.56
CA ASN E 93 -12.35 6.51 33.36
C ASN E 93 -11.78 7.91 33.48
N LEU E 94 -10.57 8.06 34.02
CA LEU E 94 -9.86 9.33 34.00
C LEU E 94 -9.02 9.52 32.74
N ARG E 95 -9.17 8.64 31.75
CA ARG E 95 -8.42 8.68 30.50
C ARG E 95 -6.92 8.53 30.72
N ILE E 96 -6.54 7.72 31.71
CA ILE E 96 -5.14 7.47 32.01
C ILE E 96 -4.74 6.11 31.48
N PHE E 97 -3.64 6.07 30.72
CA PHE E 97 -3.04 4.82 30.27
C PHE E 97 -2.07 4.33 31.33
N THR E 98 -2.25 3.08 31.77
CA THR E 98 -1.34 2.47 32.72
C THR E 98 -0.94 1.10 32.20
N PHE E 99 0.38 0.83 32.17
CA PHE E 99 0.90 -0.46 31.77
C PHE E 99 1.12 -1.33 33.00
N GLY E 100 0.84 -2.62 32.86
CA GLY E 100 1.14 -3.58 33.91
C GLY E 100 2.63 -3.76 34.10
N PRO E 101 3.02 -4.52 35.13
CA PRO E 101 4.45 -4.69 35.41
C PRO E 101 5.17 -5.58 34.41
N GLY E 102 4.44 -6.37 33.63
CA GLY E 102 5.06 -7.11 32.54
C GLY E 102 5.40 -8.54 32.92
N THR E 103 5.36 -9.42 31.93
CA THR E 103 5.75 -10.82 32.08
C THR E 103 6.81 -11.14 31.03
N LYS E 104 8.00 -11.51 31.48
CA LYS E 104 9.06 -11.95 30.60
C LYS E 104 8.94 -13.45 30.37
N VAL E 105 8.84 -13.86 29.10
CA VAL E 105 8.80 -15.27 28.76
C VAL E 105 10.11 -15.63 28.09
N ASP E 106 10.78 -16.65 28.63
CA ASP E 106 12.01 -17.19 28.08
C ASP E 106 11.74 -18.60 27.58
N ILE E 107 12.67 -19.13 26.79
CA ILE E 107 12.54 -20.44 26.19
C ILE E 107 13.55 -21.39 26.82
N LYS E 108 13.07 -22.55 27.26
CA LYS E 108 13.94 -23.69 27.55
C LYS E 108 14.28 -24.40 26.26
N ARG E 109 15.56 -24.69 26.06
CA ARG E 109 16.00 -25.49 24.93
C ARG E 109 17.09 -26.44 25.40
N THR E 110 17.50 -27.33 24.50
CA THR E 110 18.57 -28.26 24.83
C THR E 110 19.87 -27.51 25.05
N VAL E 111 20.74 -28.11 25.88
CA VAL E 111 22.06 -27.52 26.10
C VAL E 111 22.78 -27.37 24.76
N ALA E 112 23.51 -26.27 24.62
CA ALA E 112 24.26 -25.99 23.40
C ALA E 112 25.62 -25.43 23.77
N ALA E 113 26.67 -25.99 23.18
CA ALA E 113 28.02 -25.57 23.51
C ALA E 113 28.37 -24.28 22.78
N PRO E 114 29.12 -23.38 23.42
CA PRO E 114 29.53 -22.14 22.75
C PRO E 114 30.64 -22.37 21.74
N SER E 115 30.58 -21.63 20.64
CA SER E 115 31.75 -21.47 19.78
C SER E 115 32.61 -20.35 20.33
N VAL E 116 33.91 -20.63 20.49
CA VAL E 116 34.81 -19.74 21.21
C VAL E 116 35.80 -19.13 20.21
N PHE E 117 35.92 -17.81 20.24
CA PHE E 117 36.83 -17.08 19.38
C PHE E 117 37.57 -16.05 20.23
N ILE E 118 38.83 -15.79 19.86
CA ILE E 118 39.64 -14.79 20.55
C ILE E 118 40.17 -13.81 19.52
N PHE E 119 40.22 -12.53 19.91
CA PHE E 119 40.64 -11.45 19.01
C PHE E 119 41.78 -10.70 19.68
N PRO E 120 42.92 -10.55 19.02
CA PRO E 120 43.99 -9.73 19.59
C PRO E 120 43.66 -8.26 19.46
N PRO E 121 44.36 -7.39 20.20
CA PRO E 121 44.14 -5.95 20.01
C PRO E 121 44.64 -5.51 18.65
N SER E 122 43.98 -4.48 18.12
CA SER E 122 44.36 -3.94 16.82
C SER E 122 45.61 -3.09 16.93
N ASP E 123 46.35 -2.99 15.82
CA ASP E 123 47.52 -2.13 15.79
C ASP E 123 47.15 -0.67 16.02
N GLU E 124 46.00 -0.25 15.49
CA GLU E 124 45.54 1.13 15.71
C GLU E 124 45.39 1.44 17.19
N GLN E 125 44.73 0.54 17.93
CA GLN E 125 44.53 0.78 19.36
C GLN E 125 45.86 0.78 20.11
N LEU E 126 46.76 -0.13 19.76
CA LEU E 126 48.07 -0.20 20.41
C LEU E 126 48.82 1.12 20.28
N LYS E 127 48.60 1.85 19.18
CA LYS E 127 49.22 3.17 19.03
C LYS E 127 48.79 4.11 20.15
N SER E 128 47.64 3.87 20.76
CA SER E 128 47.10 4.76 21.78
C SER E 128 47.46 4.35 23.20
N GLY E 129 48.23 3.27 23.36
CA GLY E 129 48.72 2.89 24.67
C GLY E 129 47.87 1.88 25.42
N THR E 130 46.77 1.41 24.84
CA THR E 130 45.88 0.46 25.48
C THR E 130 45.70 -0.75 24.58
N ALA E 131 45.58 -1.92 25.21
CA ALA E 131 45.36 -3.18 24.50
C ALA E 131 44.11 -3.84 25.04
N SER E 132 43.11 -4.02 24.17
CA SER E 132 41.88 -4.74 24.51
C SER E 132 41.89 -6.08 23.79
N VAL E 133 41.82 -7.17 24.55
CA VAL E 133 41.72 -8.52 24.01
C VAL E 133 40.29 -8.99 24.24
N VAL E 134 39.68 -9.54 23.20
CA VAL E 134 38.26 -9.87 23.21
C VAL E 134 38.08 -11.38 23.01
N CYS E 135 37.26 -11.99 23.85
CA CYS E 135 36.91 -13.39 23.75
C CYS E 135 35.42 -13.51 23.50
N LEU E 136 35.04 -14.26 22.47
CA LEU E 136 33.66 -14.39 22.05
C LEU E 136 33.15 -15.81 22.31
N LEU E 137 32.03 -15.91 23.00
CA LEU E 137 31.31 -17.17 23.19
C LEU E 137 30.02 -17.07 22.41
N ASN E 138 29.90 -17.85 21.34
CA ASN E 138 28.83 -17.68 20.37
C ASN E 138 27.81 -18.81 20.49
N ASN E 139 26.54 -18.44 20.67
CA ASN E 139 25.39 -19.34 20.47
C ASN E 139 25.46 -20.55 21.41
N PHE E 140 25.25 -20.28 22.69
CA PHE E 140 25.27 -21.33 23.71
C PHE E 140 24.00 -21.28 24.54
N TYR E 141 23.76 -22.36 25.27
CA TYR E 141 22.64 -22.48 26.20
C TYR E 141 22.99 -23.56 27.21
N PRO E 142 22.72 -23.34 28.51
CA PRO E 142 22.04 -22.17 29.10
C PRO E 142 22.91 -20.93 29.21
N ARG E 143 22.33 -19.89 29.83
CA ARG E 143 22.98 -18.58 29.88
C ARG E 143 24.25 -18.59 30.72
N GLU E 144 24.31 -19.45 31.74
CA GLU E 144 25.46 -19.46 32.64
C GLU E 144 26.71 -19.92 31.90
N ALA E 145 27.79 -19.16 32.04
CA ALA E 145 29.07 -19.48 31.42
C ALA E 145 30.18 -18.84 32.22
N LYS E 146 31.36 -19.46 32.19
CA LYS E 146 32.53 -19.01 32.94
C LYS E 146 33.67 -18.75 31.97
N VAL E 147 34.20 -17.53 32.00
CA VAL E 147 35.34 -17.14 31.19
C VAL E 147 36.50 -16.79 32.12
N GLN E 148 37.66 -17.41 31.88
CA GLN E 148 38.88 -17.09 32.60
C GLN E 148 39.95 -16.65 31.62
N TRP E 149 40.58 -15.52 31.90
CA TRP E 149 41.68 -15.02 31.09
C TRP E 149 43.00 -15.48 31.69
N LYS E 150 43.89 -15.99 30.84
CA LYS E 150 45.22 -16.40 31.26
C LYS E 150 46.25 -15.76 30.35
N VAL E 151 47.22 -15.07 30.97
CA VAL E 151 48.29 -14.39 30.26
C VAL E 151 49.59 -15.08 30.63
N ASP E 152 50.19 -15.78 29.66
CA ASP E 152 51.31 -16.68 29.91
C ASP E 152 50.98 -17.65 31.05
N ASN E 153 49.78 -18.22 30.97
CA ASN E 153 49.26 -19.20 31.92
C ASN E 153 49.09 -18.62 33.33
N ALA E 154 49.07 -17.30 33.45
CA ALA E 154 48.79 -16.64 34.72
C ALA E 154 47.35 -16.16 34.73
N LEU E 155 46.56 -16.63 35.69
CA LEU E 155 45.15 -16.27 35.76
C LEU E 155 44.98 -14.79 36.02
N GLN E 156 44.15 -14.13 35.21
CA GLN E 156 43.86 -12.72 35.36
C GLN E 156 42.63 -12.52 36.24
N SER E 157 42.60 -11.39 36.94
CA SER E 157 41.42 -11.01 37.71
C SER E 157 41.39 -9.49 37.87
N GLY E 158 40.20 -8.92 37.80
CA GLY E 158 40.01 -7.50 37.99
C GLY E 158 40.21 -6.65 36.76
N ASN E 159 40.66 -7.23 35.64
CA ASN E 159 40.94 -6.46 34.43
C ASN E 159 40.10 -6.94 33.24
N SER E 160 38.97 -7.58 33.49
CA SER E 160 38.08 -8.02 32.43
C SER E 160 36.64 -7.63 32.73
N GLN E 161 35.87 -7.45 31.67
CA GLN E 161 34.43 -7.23 31.76
C GLN E 161 33.74 -8.03 30.68
N GLU E 162 32.48 -8.39 30.93
CA GLU E 162 31.72 -9.16 29.97
C GLU E 162 30.28 -8.66 29.94
N SER E 163 29.60 -9.00 28.84
CA SER E 163 28.16 -8.77 28.71
C SER E 163 27.58 -9.88 27.85
N VAL E 164 26.28 -10.09 27.99
CA VAL E 164 25.59 -11.21 27.36
C VAL E 164 24.40 -10.67 26.57
N THR E 165 24.23 -11.18 25.35
CA THR E 165 23.08 -10.80 24.56
C THR E 165 21.81 -11.36 25.15
N GLU E 166 20.68 -10.83 24.71
CA GLU E 166 19.40 -11.46 25.04
C GLU E 166 19.25 -12.74 24.23
N GLN E 167 18.25 -13.54 24.60
CA GLN E 167 18.05 -14.83 23.96
C GLN E 167 17.73 -14.64 22.48
N ASP E 168 18.38 -15.43 21.62
CA ASP E 168 18.21 -15.30 20.19
C ASP E 168 16.81 -15.74 19.76
N SER E 169 16.20 -14.97 18.86
CA SER E 169 14.83 -15.21 18.44
C SER E 169 14.70 -16.37 17.47
N LYS E 170 15.80 -16.94 16.97
CA LYS E 170 15.75 -18.07 16.07
C LYS E 170 16.12 -19.40 16.73
N ASP E 171 17.26 -19.46 17.41
CA ASP E 171 17.74 -20.71 17.99
C ASP E 171 17.76 -20.69 19.52
N SER E 172 17.26 -19.61 20.14
CA SER E 172 17.06 -19.54 21.58
C SER E 172 18.36 -19.64 22.38
N THR E 173 19.49 -19.29 21.78
CA THR E 173 20.77 -19.35 22.45
C THR E 173 21.20 -17.97 22.93
N TYR E 174 22.30 -17.94 23.67
CA TYR E 174 22.92 -16.71 24.12
C TYR E 174 24.33 -16.59 23.56
N SER E 175 24.83 -15.37 23.53
CA SER E 175 26.23 -15.11 23.20
C SER E 175 26.84 -14.20 24.24
N LEU E 176 28.15 -14.31 24.41
CA LEU E 176 28.86 -13.57 25.45
C LEU E 176 30.15 -13.00 24.88
N SER E 177 30.45 -11.76 25.26
CA SER E 177 31.67 -11.08 24.85
C SER E 177 32.41 -10.62 26.10
N SER E 178 33.68 -11.00 26.21
CA SER E 178 34.52 -10.64 27.34
C SER E 178 35.74 -9.89 26.83
N THR E 179 36.04 -8.75 27.45
CA THR E 179 37.14 -7.89 27.05
C THR E 179 38.18 -7.84 28.16
N LEU E 180 39.40 -8.28 27.85
CA LEU E 180 40.54 -8.11 28.74
C LEU E 180 41.27 -6.83 28.36
N THR E 181 41.47 -5.95 29.34
CA THR E 181 42.06 -4.63 29.10
C THR E 181 43.39 -4.53 29.82
N LEU E 182 44.45 -4.25 29.07
CA LEU E 182 45.78 -4.05 29.61
C LEU E 182 46.36 -2.77 29.03
N SER E 183 47.41 -2.27 29.68
CA SER E 183 48.24 -1.25 29.06
C SER E 183 49.06 -1.86 27.92
N LYS E 184 49.45 -1.01 26.97
CA LYS E 184 50.30 -1.49 25.89
C LYS E 184 51.61 -2.07 26.43
N ALA E 185 52.18 -1.42 27.45
CA ALA E 185 53.42 -1.91 28.03
C ALA E 185 53.26 -3.32 28.58
N ASP E 186 52.19 -3.54 29.36
CA ASP E 186 51.94 -4.88 29.91
C ASP E 186 51.66 -5.89 28.81
N TYR E 187 50.92 -5.47 27.77
CA TYR E 187 50.60 -6.38 26.67
C TYR E 187 51.87 -6.88 25.98
N GLU E 188 52.85 -6.00 25.79
CA GLU E 188 54.06 -6.36 25.07
C GLU E 188 55.01 -7.22 25.91
N LYS E 189 54.73 -7.41 27.19
CA LYS E 189 55.61 -8.17 28.08
C LYS E 189 55.34 -9.67 28.05
N HIS E 190 54.27 -10.12 27.41
CA HIS E 190 53.86 -11.51 27.49
C HIS E 190 53.61 -12.07 26.09
N LYS E 191 53.62 -13.40 26.00
CA LYS E 191 53.47 -14.12 24.73
C LYS E 191 52.06 -14.63 24.52
N VAL E 192 51.60 -15.54 25.38
CA VAL E 192 50.36 -16.29 25.15
C VAL E 192 49.20 -15.56 25.82
N TYR E 193 48.15 -15.30 25.03
CA TYR E 193 46.90 -14.73 25.54
C TYR E 193 45.79 -15.72 25.26
N ALA E 194 45.10 -16.16 26.31
CA ALA E 194 44.10 -17.21 26.20
C ALA E 194 42.89 -16.89 27.07
N CYS E 195 41.71 -17.19 26.56
CA CYS E 195 40.50 -17.25 27.36
C CYS E 195 40.05 -18.70 27.47
N GLU E 196 39.70 -19.12 28.68
CA GLU E 196 39.31 -20.49 28.95
C GLU E 196 37.84 -20.50 29.35
N VAL E 197 37.04 -21.29 28.64
CA VAL E 197 35.59 -21.24 28.73
C VAL E 197 35.09 -22.52 29.39
N THR E 198 34.29 -22.37 30.45
CA THR E 198 33.61 -23.48 31.10
C THR E 198 32.12 -23.33 30.87
N HIS E 199 31.47 -24.40 30.41
CA HIS E 199 30.05 -24.31 30.10
C HIS E 199 29.43 -25.71 30.18
N GLN E 200 28.12 -25.73 30.47
CA GLN E 200 27.37 -26.98 30.58
C GLN E 200 27.52 -27.85 29.34
N GLY E 201 27.62 -27.25 28.16
CA GLY E 201 27.73 -27.99 26.93
C GLY E 201 29.11 -28.51 26.57
N LEU E 202 30.10 -28.28 27.44
CA LEU E 202 31.46 -28.75 27.22
C LEU E 202 31.82 -29.79 28.26
N SER E 203 32.45 -30.88 27.82
CA SER E 203 32.88 -31.92 28.75
C SER E 203 34.10 -31.48 29.55
N SER E 204 34.93 -30.63 28.97
CA SER E 204 36.08 -30.05 29.63
C SER E 204 36.22 -28.61 29.14
N PRO E 205 36.87 -27.74 29.91
CA PRO E 205 37.01 -26.34 29.50
C PRO E 205 37.68 -26.22 28.13
N VAL E 206 37.26 -25.21 27.38
CA VAL E 206 37.76 -24.96 26.03
C VAL E 206 38.60 -23.70 26.07
N THR E 207 39.81 -23.77 25.52
CA THR E 207 40.75 -22.65 25.49
C THR E 207 40.99 -22.23 24.05
N LYS E 208 40.85 -20.93 23.79
CA LYS E 208 41.31 -20.31 22.55
C LYS E 208 42.41 -19.33 22.89
N SER E 209 43.52 -19.40 22.17
CA SER E 209 44.69 -18.59 22.49
C SER E 209 45.35 -18.10 21.22
N PHE E 210 46.27 -17.14 21.39
CA PHE E 210 47.12 -16.67 20.31
C PHE E 210 48.44 -16.22 20.90
N ASN E 211 49.47 -16.21 20.06
CA ASN E 211 50.77 -15.66 20.43
C ASN E 211 50.86 -14.24 19.88
N ARG E 212 51.20 -13.29 20.76
CA ARG E 212 51.36 -11.91 20.32
C ARG E 212 52.45 -11.81 19.27
N GLY E 213 52.08 -11.28 18.10
CA GLY E 213 53.03 -11.14 17.01
C GLY E 213 53.18 -12.34 16.11
N GLU E 214 52.29 -13.33 16.19
CA GLU E 214 52.42 -14.52 15.36
C GLU E 214 52.36 -14.19 13.86
N CYS E 215 51.52 -13.24 13.47
CA CYS E 215 51.53 -12.75 12.09
C CYS E 215 51.88 -11.27 12.05
N GLN F 1 -2.13 4.67 8.00
CA GLN F 1 -0.85 4.11 8.43
C GLN F 1 0.23 5.19 8.42
N VAL F 2 1.01 5.25 9.50
CA VAL F 2 2.06 6.25 9.65
C VAL F 2 3.34 5.56 10.12
N GLN F 3 4.46 6.22 9.85
CA GLN F 3 5.76 5.80 10.34
C GLN F 3 6.33 6.90 11.24
N LEU F 4 6.82 6.51 12.41
CA LEU F 4 7.24 7.44 13.44
C LEU F 4 8.74 7.33 13.67
N GLN F 5 9.40 8.47 13.86
CA GLN F 5 10.85 8.52 14.09
C GLN F 5 11.15 9.59 15.13
N GLU F 6 11.60 9.17 16.30
CA GLU F 6 12.00 10.12 17.33
C GLU F 6 13.35 10.74 17.03
N SER F 7 13.58 11.92 17.60
CA SER F 7 14.90 12.52 17.65
C SER F 7 15.01 13.33 18.92
N GLY F 8 16.15 13.25 19.59
CA GLY F 8 16.36 13.94 20.83
C GLY F 8 17.78 14.41 21.00
N PRO F 9 18.08 15.02 22.16
CA PRO F 9 19.42 15.59 22.37
C PRO F 9 20.44 14.59 22.87
N GLY F 10 20.04 13.36 23.17
CA GLY F 10 20.94 12.42 23.80
C GLY F 10 21.18 12.79 25.25
N LEU F 11 21.99 13.81 25.47
CA LEU F 11 22.23 14.34 26.82
C LEU F 11 21.36 15.57 27.07
N VAL F 12 20.93 15.71 28.32
CA VAL F 12 20.30 16.93 28.81
C VAL F 12 20.78 17.16 30.24
N LYS F 13 21.13 18.41 30.55
CA LYS F 13 21.66 18.68 31.87
C LYS F 13 20.55 18.74 32.90
N PRO F 14 20.84 18.37 34.15
CA PRO F 14 19.81 18.41 35.20
C PRO F 14 19.27 19.81 35.39
N SER F 15 17.97 19.89 35.70
CA SER F 15 17.16 21.08 35.94
C SER F 15 16.79 21.79 34.63
N GLU F 16 17.38 21.42 33.49
CA GLU F 16 17.03 22.04 32.23
C GLU F 16 15.85 21.32 31.59
N THR F 17 15.40 21.81 30.44
CA THR F 17 14.19 21.32 29.80
C THR F 17 14.54 20.34 28.69
N LEU F 18 13.93 19.17 28.73
CA LEU F 18 14.11 18.15 27.70
C LEU F 18 13.14 18.40 26.56
N SER F 19 13.67 18.47 25.34
CA SER F 19 12.86 18.69 24.14
C SER F 19 13.03 17.50 23.21
N LEU F 20 11.91 16.93 22.77
CA LEU F 20 11.91 15.79 21.88
C LEU F 20 10.99 16.07 20.69
N THR F 21 11.30 15.45 19.56
CA THR F 21 10.51 15.61 18.35
C THR F 21 10.28 14.24 17.71
N CYS F 22 9.06 14.04 17.21
CA CYS F 22 8.67 12.82 16.51
C CYS F 22 8.27 13.20 15.10
N THR F 23 9.03 12.73 14.11
CA THR F 23 8.76 13.05 12.71
C THR F 23 7.85 11.98 12.13
N VAL F 24 6.79 12.41 11.44
CA VAL F 24 5.71 11.53 11.00
C VAL F 24 5.67 11.53 9.49
N SER F 25 5.55 10.34 8.90
CA SER F 25 5.29 10.19 7.48
C SER F 25 4.10 9.25 7.30
N GLY F 26 3.32 9.51 6.25
CA GLY F 26 2.14 8.71 5.98
C GLY F 26 0.83 9.47 6.06
N ASP F 27 -0.13 8.93 6.80
CA ASP F 27 -1.46 9.51 6.90
C ASP F 27 -1.40 10.90 7.53
N SER F 28 -2.53 11.61 7.44
CA SER F 28 -2.68 12.90 8.08
C SER F 28 -2.57 12.76 9.59
N MET F 29 -1.81 13.67 10.22
CA MET F 29 -1.64 13.61 11.68
C MET F 29 -2.97 13.82 12.40
N SER F 30 -3.93 14.50 11.77
CA SER F 30 -5.21 14.77 12.41
C SER F 30 -6.04 13.52 12.65
N SER F 31 -5.68 12.40 12.01
CA SER F 31 -6.41 11.15 12.18
C SER F 31 -5.95 10.34 13.39
N TYR F 32 -5.04 10.86 14.21
CA TYR F 32 -4.45 10.06 15.28
C TYR F 32 -4.35 10.87 16.56
N TYR F 33 -4.48 10.18 17.68
CA TYR F 33 -4.08 10.71 18.98
C TYR F 33 -2.59 10.47 19.17
N TRP F 34 -1.86 11.50 19.60
CA TRP F 34 -0.41 11.44 19.67
C TRP F 34 0.04 11.42 21.12
N SER F 35 0.90 10.44 21.45
CA SER F 35 1.32 10.22 22.82
C SER F 35 2.84 10.01 22.90
N TRP F 36 3.41 10.37 24.04
CA TRP F 36 4.76 9.99 24.40
C TRP F 36 4.73 8.99 25.55
N ILE F 37 5.60 8.00 25.47
CA ILE F 37 5.71 6.96 26.50
C ILE F 37 7.19 6.72 26.73
N ARG F 38 7.59 6.61 27.99
CA ARG F 38 8.99 6.45 28.33
C ARG F 38 9.20 5.16 29.12
N GLN F 39 10.45 4.69 29.10
CA GLN F 39 10.82 3.42 29.72
C GLN F 39 12.26 3.50 30.24
N PRO F 40 12.46 3.60 31.54
CA PRO F 40 13.83 3.51 32.08
C PRO F 40 14.40 2.13 31.82
N ALA F 41 15.73 2.06 31.78
CA ALA F 41 16.43 0.81 31.50
C ALA F 41 15.99 -0.29 32.48
N GLY F 42 15.55 -1.41 31.91
CA GLY F 42 15.13 -2.54 32.73
C GLY F 42 13.89 -2.30 33.55
N LYS F 43 13.08 -1.31 33.21
CA LYS F 43 11.85 -1.00 33.94
C LYS F 43 10.65 -1.05 33.00
N GLY F 44 9.48 -0.75 33.55
CA GLY F 44 8.25 -0.77 32.80
C GLY F 44 8.03 0.49 32.00
N LEU F 45 6.82 0.59 31.45
CA LEU F 45 6.45 1.68 30.57
C LEU F 45 5.57 2.68 31.31
N GLU F 46 5.84 3.96 31.09
CA GLU F 46 5.08 5.05 31.69
C GLU F 46 4.56 5.96 30.59
N TRP F 47 3.23 6.02 30.44
CA TRP F 47 2.63 6.93 29.49
C TRP F 47 2.69 8.36 30.02
N ILE F 48 3.19 9.27 29.18
CA ILE F 48 3.43 10.65 29.60
C ILE F 48 2.22 11.54 29.34
N GLY F 49 1.60 11.41 28.18
CA GLY F 49 0.47 12.26 27.84
C GLY F 49 0.01 12.10 26.41
N ARG F 50 -1.20 12.58 26.11
CA ARG F 50 -1.82 12.41 24.81
C ARG F 50 -2.41 13.74 24.36
N ILE F 51 -2.26 14.04 23.06
CA ILE F 51 -2.84 15.23 22.46
C ILE F 51 -3.40 14.88 21.07
N SER F 52 -4.21 15.78 20.54
CA SER F 52 -4.69 15.71 19.17
C SER F 52 -4.45 17.06 18.50
N THR F 53 -4.56 17.08 17.17
CA THR F 53 -4.38 18.32 16.43
C THR F 53 -5.48 19.33 16.70
N SER F 54 -6.63 18.88 17.21
CA SER F 54 -7.71 19.79 17.57
C SER F 54 -7.35 20.71 18.74
N GLY F 55 -6.25 20.46 19.43
CA GLY F 55 -5.87 21.23 20.60
C GLY F 55 -6.19 20.56 21.92
N SER F 56 -6.89 19.43 21.89
CA SER F 56 -7.16 18.69 23.12
C SER F 56 -5.87 18.15 23.72
N THR F 57 -5.79 18.19 25.04
CA THR F 57 -4.65 17.67 25.78
C THR F 57 -5.12 16.71 26.86
N ASN F 58 -4.33 15.66 27.11
CA ASN F 58 -4.64 14.64 28.11
C ASN F 58 -3.30 14.17 28.68
N TYR F 59 -2.75 14.97 29.58
CA TYR F 59 -1.46 14.67 30.19
C TYR F 59 -1.64 13.77 31.41
N ASN F 60 -0.66 12.92 31.65
CA ASN F 60 -0.65 12.11 32.85
C ASN F 60 -0.58 13.02 34.07
N PRO F 61 -1.51 12.87 35.03
CA PRO F 61 -1.49 13.76 36.20
C PRO F 61 -0.18 13.78 36.96
N SER F 62 0.58 12.68 36.92
CA SER F 62 1.87 12.64 37.61
C SER F 62 2.91 13.55 36.96
N LEU F 63 2.74 13.89 35.69
CA LEU F 63 3.70 14.71 34.96
C LEU F 63 3.10 15.98 34.39
N LYS F 64 1.81 16.23 34.62
CA LYS F 64 1.12 17.35 33.98
C LYS F 64 1.81 18.68 34.25
N SER F 65 2.32 18.87 35.48
CA SER F 65 2.91 20.15 35.85
C SER F 65 4.26 20.40 35.18
N ARG F 66 4.88 19.36 34.63
CA ARG F 66 6.20 19.51 34.02
C ARG F 66 6.22 19.37 32.50
N VAL F 67 5.17 18.81 31.90
CA VAL F 67 5.20 18.40 30.51
C VAL F 67 4.21 19.23 29.71
N THR F 68 4.60 19.56 28.48
CA THR F 68 3.71 20.10 27.47
C THR F 68 3.98 19.38 26.16
N MET F 69 2.97 19.35 25.30
CA MET F 69 3.10 18.71 24.00
C MET F 69 2.44 19.60 22.94
N SER F 70 2.83 19.36 21.68
CA SER F 70 2.29 20.13 20.58
C SER F 70 2.49 19.37 19.28
N VAL F 71 1.72 19.73 18.28
CA VAL F 71 1.81 19.17 16.94
C VAL F 71 2.01 20.30 15.94
N ASP F 72 2.92 20.11 15.00
CA ASP F 72 3.13 21.03 13.88
C ASP F 72 2.85 20.24 12.61
N THR F 73 1.62 20.31 12.10
CA THR F 73 1.24 19.57 10.91
C THR F 73 1.92 20.09 9.66
N SER F 74 2.36 21.35 9.66
CA SER F 74 3.07 21.89 8.49
C SER F 74 4.38 21.18 8.25
N ASN F 75 5.05 20.73 9.31
CA ASN F 75 6.32 20.03 9.20
C ASN F 75 6.23 18.59 9.69
N ASN F 76 5.02 18.10 9.97
CA ASN F 76 4.78 16.72 10.41
C ASN F 76 5.61 16.38 11.65
N HIS F 77 5.55 17.25 12.65
CA HIS F 77 6.29 17.07 13.89
C HIS F 77 5.33 16.99 15.07
N PHE F 78 5.59 16.03 15.95
CA PHE F 78 4.90 15.88 17.22
C PHE F 78 5.95 15.97 18.32
N SER F 79 5.82 16.97 19.19
CA SER F 79 6.87 17.32 20.12
C SER F 79 6.37 17.28 21.56
N MET F 80 7.31 17.14 22.50
CA MET F 80 7.03 17.31 23.92
C MET F 80 8.17 18.06 24.57
N ARG F 81 7.87 18.73 25.67
CA ARG F 81 8.84 19.42 26.49
C ARG F 81 8.64 18.98 27.94
N LEU F 82 9.73 18.59 28.60
CA LEU F 82 9.69 18.15 29.99
C LEU F 82 10.62 19.04 30.80
N ASN F 83 10.07 19.79 31.75
CA ASN F 83 10.83 20.78 32.49
C ASN F 83 11.56 20.17 33.68
N SER F 84 12.65 20.81 34.07
CA SER F 84 13.32 20.55 35.35
C SER F 84 13.71 19.08 35.49
N VAL F 85 14.43 18.57 34.47
CA VAL F 85 14.74 17.15 34.45
C VAL F 85 15.74 16.80 35.55
N THR F 86 15.64 15.58 36.05
CA THR F 86 16.59 15.00 36.99
C THR F 86 16.97 13.61 36.49
N ALA F 87 17.81 12.92 37.27
CA ALA F 87 18.24 11.57 36.89
C ALA F 87 17.06 10.62 36.73
N ALA F 88 15.95 10.89 37.42
CA ALA F 88 14.76 10.04 37.30
C ALA F 88 14.12 10.11 35.92
N ASP F 89 14.48 11.10 35.10
CA ASP F 89 13.92 11.25 33.77
C ASP F 89 14.75 10.57 32.68
N THR F 90 15.90 10.00 33.04
CA THR F 90 16.68 9.22 32.08
C THR F 90 15.89 7.97 31.69
N ALA F 91 15.63 7.82 30.39
CA ALA F 91 14.80 6.72 29.90
C ALA F 91 14.82 6.75 28.38
N VAL F 92 14.33 5.66 27.79
CA VAL F 92 14.01 5.64 26.36
C VAL F 92 12.63 6.25 26.19
N TYR F 93 12.53 7.27 25.35
CA TYR F 93 11.27 7.95 25.09
C TYR F 93 10.72 7.52 23.73
N TYR F 94 9.49 7.01 23.73
CA TYR F 94 8.80 6.59 22.52
C TYR F 94 7.70 7.59 22.18
N CYS F 95 7.56 7.89 20.90
CA CYS F 95 6.31 8.49 20.42
C CYS F 95 5.44 7.38 19.84
N ALA F 96 4.13 7.55 20.01
CA ALA F 96 3.17 6.54 19.61
C ALA F 96 1.86 7.22 19.28
N CYS F 97 1.05 6.56 18.46
CA CYS F 97 -0.21 7.15 18.04
C CYS F 97 -1.20 6.05 17.71
N SER F 98 -2.46 6.46 17.54
CA SER F 98 -3.56 5.57 17.22
C SER F 98 -4.76 6.42 16.82
N GLY F 99 -5.57 5.88 15.91
CA GLY F 99 -6.90 6.42 15.73
C GLY F 99 -7.79 6.20 16.93
N SER F 100 -7.48 5.17 17.72
CA SER F 100 -8.20 4.90 18.96
C SER F 100 -7.66 5.77 20.09
N TYR F 101 -8.52 6.03 21.07
CA TYR F 101 -8.16 6.82 22.24
C TYR F 101 -7.66 5.98 23.41
N SER F 102 -7.59 4.65 23.27
CA SER F 102 -7.32 3.78 24.40
C SER F 102 -6.14 2.84 24.23
N PHE F 103 -5.48 2.83 23.06
CA PHE F 103 -4.28 2.01 22.90
C PHE F 103 -3.36 2.67 21.88
N PHE F 104 -2.22 2.02 21.64
CA PHE F 104 -1.18 2.51 20.73
C PHE F 104 -0.84 1.40 19.76
N ASP F 105 -1.17 1.58 18.47
CA ASP F 105 -0.81 0.58 17.47
C ASP F 105 0.30 1.02 16.54
N TYR F 106 0.76 2.27 16.63
CA TYR F 106 1.91 2.74 15.88
C TYR F 106 2.94 3.30 16.86
N TRP F 107 4.19 2.89 16.70
CA TRP F 107 5.27 3.29 17.59
C TRP F 107 6.49 3.74 16.79
N GLY F 108 7.22 4.69 17.36
CA GLY F 108 8.55 5.00 16.90
C GLY F 108 9.55 3.96 17.41
N GLN F 109 10.82 4.24 17.16
CA GLN F 109 11.89 3.35 17.57
C GLN F 109 12.41 3.66 18.97
N GLY F 110 12.02 4.81 19.53
CA GLY F 110 12.53 5.22 20.82
C GLY F 110 13.85 5.97 20.73
N THR F 111 14.02 6.99 21.57
CA THR F 111 15.28 7.71 21.67
C THR F 111 15.70 7.75 23.12
N LEU F 112 16.94 7.40 23.39
CA LEU F 112 17.44 7.35 24.76
C LEU F 112 17.87 8.75 25.19
N VAL F 113 17.31 9.22 26.31
CA VAL F 113 17.66 10.49 26.91
C VAL F 113 18.43 10.22 28.19
N THR F 114 19.63 10.78 28.30
CA THR F 114 20.47 10.62 29.48
C THR F 114 20.63 11.97 30.16
N VAL F 115 20.15 12.07 31.40
CA VAL F 115 20.30 13.28 32.18
C VAL F 115 21.67 13.24 32.85
N SER F 116 22.53 14.19 32.49
CA SER F 116 23.93 14.13 32.92
C SER F 116 24.58 15.49 32.77
N SER F 117 25.52 15.76 33.68
CA SER F 117 26.34 16.97 33.59
C SER F 117 27.48 16.84 32.59
N ALA F 118 27.83 15.62 32.20
CA ALA F 118 29.01 15.39 31.38
C ALA F 118 28.72 15.71 29.91
N SER F 119 29.80 15.94 29.17
CA SER F 119 29.72 16.20 27.73
C SER F 119 29.74 14.89 26.95
N THR F 120 29.21 14.94 25.73
CA THR F 120 29.25 13.79 24.85
C THR F 120 30.69 13.48 24.43
N LYS F 121 30.97 12.21 24.23
CA LYS F 121 32.26 11.76 23.70
C LYS F 121 32.02 10.69 22.66
N GLY F 122 32.54 10.91 21.45
CA GLY F 122 32.40 9.96 20.38
C GLY F 122 33.31 8.77 20.57
N PRO F 123 32.94 7.63 20.01
CA PRO F 123 33.71 6.40 20.24
C PRO F 123 34.87 6.23 19.26
N SER F 124 35.84 5.44 19.72
CA SER F 124 36.85 4.88 18.83
C SER F 124 36.38 3.50 18.38
N VAL F 125 36.64 3.19 17.13
CA VAL F 125 36.19 1.93 16.52
C VAL F 125 37.43 1.15 16.10
N PHE F 126 37.58 -0.06 16.66
CA PHE F 126 38.72 -0.89 16.35
C PHE F 126 38.24 -2.23 15.77
N PRO F 127 38.96 -2.79 14.81
CA PRO F 127 38.54 -4.05 14.22
C PRO F 127 38.83 -5.23 15.12
N LEU F 128 37.95 -6.22 15.06
CA LEU F 128 38.17 -7.54 15.65
C LEU F 128 38.48 -8.47 14.48
N ALA F 129 39.75 -8.67 14.22
CA ALA F 129 40.19 -9.29 12.97
C ALA F 129 39.98 -10.81 13.02
N PRO F 130 39.36 -11.40 12.01
CA PRO F 130 39.25 -12.86 11.95
C PRO F 130 40.60 -13.49 11.61
N SER F 131 40.88 -14.61 12.25
CA SER F 131 42.13 -15.33 12.04
C SER F 131 41.83 -16.83 12.17
N SER F 132 42.87 -17.62 12.43
CA SER F 132 42.68 -19.04 12.69
C SER F 132 42.16 -19.28 14.10
N LYS F 133 42.55 -18.43 15.05
CA LYS F 133 41.96 -18.44 16.38
C LYS F 133 40.55 -17.87 16.39
N SER F 134 40.03 -17.49 15.22
CA SER F 134 38.67 -16.99 15.05
C SER F 134 37.89 -17.80 14.03
N THR F 135 38.26 -19.07 13.85
CA THR F 135 37.56 -19.98 12.96
C THR F 135 37.12 -21.23 13.73
N SER F 136 35.94 -21.73 13.38
CA SER F 136 35.38 -22.96 13.90
C SER F 136 35.41 -24.02 12.79
N GLY F 137 34.41 -24.88 12.75
CA GLY F 137 34.29 -25.82 11.65
C GLY F 137 33.69 -25.16 10.43
N GLY F 138 34.52 -24.42 9.69
CA GLY F 138 34.06 -23.68 8.54
C GLY F 138 33.52 -22.29 8.83
N THR F 139 33.29 -21.97 10.11
CA THR F 139 32.72 -20.69 10.50
C THR F 139 33.83 -19.80 11.08
N ALA F 140 33.92 -18.57 10.56
CA ALA F 140 34.82 -17.57 11.09
C ALA F 140 34.02 -16.45 11.75
N ALA F 141 34.61 -15.83 12.76
CA ALA F 141 34.01 -14.70 13.45
C ALA F 141 34.86 -13.46 13.29
N LEU F 142 34.19 -12.32 13.13
CA LEU F 142 34.86 -11.02 13.03
C LEU F 142 33.95 -9.99 13.67
N GLY F 143 34.48 -8.80 13.89
CA GLY F 143 33.66 -7.76 14.48
C GLY F 143 34.38 -6.44 14.62
N CYS F 144 33.80 -5.58 15.45
CA CYS F 144 34.33 -4.25 15.74
C CYS F 144 34.17 -3.95 17.22
N LEU F 145 35.18 -3.31 17.79
CA LEU F 145 35.15 -2.86 19.17
C LEU F 145 34.88 -1.35 19.18
N VAL F 146 33.79 -0.96 19.85
CA VAL F 146 33.35 0.43 19.89
C VAL F 146 33.61 0.93 21.31
N LYS F 147 34.66 1.72 21.47
CA LYS F 147 35.27 1.96 22.77
C LYS F 147 35.18 3.42 23.17
N ASP F 148 34.88 3.65 24.46
CA ASP F 148 35.05 4.95 25.11
C ASP F 148 34.11 6.02 24.53
N TYR F 149 32.81 5.81 24.71
CA TYR F 149 31.82 6.78 24.28
C TYR F 149 30.85 7.08 25.42
N PHE F 150 30.18 8.23 25.31
CA PHE F 150 29.18 8.64 26.28
C PHE F 150 28.31 9.71 25.63
N PRO F 151 26.99 9.68 25.80
CA PRO F 151 26.28 8.60 26.49
C PRO F 151 25.93 7.45 25.56
N GLU F 152 25.12 6.52 26.05
CA GLU F 152 24.51 5.53 25.18
C GLU F 152 23.45 6.21 24.31
N PRO F 153 23.09 5.61 23.17
CA PRO F 153 23.60 4.36 22.61
C PRO F 153 24.46 4.54 21.37
N VAL F 154 25.10 3.47 20.94
CA VAL F 154 25.65 3.37 19.60
C VAL F 154 24.89 2.29 18.86
N THR F 155 24.75 2.47 17.55
CA THR F 155 24.20 1.44 16.68
C THR F 155 25.30 0.94 15.75
N VAL F 156 25.23 -0.35 15.42
CA VAL F 156 26.21 -0.98 14.55
C VAL F 156 25.45 -1.78 13.50
N SER F 157 25.68 -1.48 12.24
CA SER F 157 25.23 -2.28 11.12
C SER F 157 26.46 -2.83 10.39
N TRP F 158 26.22 -3.81 9.51
CA TRP F 158 27.28 -4.44 8.76
C TRP F 158 26.98 -4.36 7.28
N ASN F 159 27.97 -3.87 6.51
CA ASN F 159 27.83 -3.68 5.07
C ASN F 159 26.58 -2.87 4.74
N SER F 160 26.38 -1.79 5.49
CA SER F 160 25.26 -0.87 5.30
C SER F 160 23.91 -1.59 5.39
N GLY F 161 23.83 -2.62 6.24
CA GLY F 161 22.59 -3.34 6.43
C GLY F 161 22.42 -4.57 5.56
N ALA F 162 23.32 -4.81 4.60
CA ALA F 162 23.23 -5.99 3.76
C ALA F 162 23.54 -7.27 4.52
N LEU F 163 24.29 -7.19 5.61
CA LEU F 163 24.69 -8.36 6.39
C LEU F 163 23.99 -8.29 7.75
N THR F 164 23.01 -9.17 7.96
CA THR F 164 22.26 -9.23 9.20
C THR F 164 22.28 -10.60 9.87
N SER F 165 22.41 -11.67 9.11
CA SER F 165 22.40 -13.02 9.68
C SER F 165 23.68 -13.25 10.48
N GLY F 166 23.52 -13.75 11.71
CA GLY F 166 24.66 -14.05 12.55
C GLY F 166 25.27 -12.87 13.26
N VAL F 167 24.66 -11.70 13.19
CA VAL F 167 25.18 -10.51 13.85
C VAL F 167 24.79 -10.56 15.32
N HIS F 168 25.76 -10.25 16.20
CA HIS F 168 25.51 -10.11 17.63
C HIS F 168 26.14 -8.81 18.10
N THR F 169 25.31 -7.85 18.45
CA THR F 169 25.76 -6.59 19.02
C THR F 169 25.47 -6.63 20.52
N PHE F 170 26.51 -6.61 21.33
CA PHE F 170 26.37 -6.88 22.74
C PHE F 170 25.97 -5.63 23.51
N PRO F 171 25.32 -5.80 24.66
CA PRO F 171 25.08 -4.65 25.54
C PRO F 171 26.40 -3.99 25.92
N ALA F 172 26.37 -2.66 25.98
CA ALA F 172 27.56 -1.92 26.39
C ALA F 172 27.90 -2.25 27.84
N VAL F 173 29.19 -2.14 28.16
CA VAL F 173 29.66 -2.26 29.54
C VAL F 173 30.14 -0.89 29.98
N LEU F 174 29.91 -0.58 31.26
CA LEU F 174 30.40 0.65 31.85
C LEU F 174 31.82 0.42 32.36
N GLN F 175 32.79 1.13 31.79
CA GLN F 175 34.16 0.99 32.21
C GLN F 175 34.43 1.85 33.45
N SER F 176 35.56 1.58 34.10
CA SER F 176 35.91 2.34 35.29
C SER F 176 36.23 3.79 34.97
N SER F 177 36.50 4.11 33.70
CA SER F 177 36.69 5.48 33.27
C SER F 177 35.38 6.27 33.21
N GLY F 178 34.25 5.63 33.45
CA GLY F 178 32.96 6.28 33.29
C GLY F 178 32.41 6.29 31.88
N LEU F 179 33.12 5.69 30.93
CA LEU F 179 32.71 5.65 29.54
C LEU F 179 32.27 4.24 29.16
N TYR F 180 31.47 4.15 28.11
CA TYR F 180 30.92 2.88 27.68
C TYR F 180 31.83 2.23 26.63
N SER F 181 31.73 0.90 26.54
CA SER F 181 32.43 0.13 25.54
C SER F 181 31.53 -1.00 25.07
N LEU F 182 31.56 -1.27 23.77
CA LEU F 182 30.66 -2.23 23.16
C LEU F 182 31.37 -2.94 22.02
N SER F 183 30.98 -4.19 21.80
CA SER F 183 31.48 -4.95 20.66
C SER F 183 30.29 -5.46 19.85
N SER F 184 30.50 -5.56 18.54
CA SER F 184 29.55 -6.16 17.62
C SER F 184 30.30 -7.16 16.77
N VAL F 185 29.78 -8.38 16.66
CA VAL F 185 30.43 -9.45 15.92
C VAL F 185 29.45 -10.05 14.92
N VAL F 186 30.00 -10.76 13.95
CA VAL F 186 29.22 -11.52 12.97
C VAL F 186 30.02 -12.75 12.58
N THR F 187 29.32 -13.88 12.43
CA THR F 187 29.93 -15.10 11.97
C THR F 187 29.67 -15.30 10.49
N VAL F 188 30.70 -15.73 9.76
CA VAL F 188 30.63 -15.94 8.31
C VAL F 188 31.34 -17.23 7.97
N PRO F 189 31.06 -17.80 6.80
CA PRO F 189 31.86 -18.93 6.34
C PRO F 189 33.31 -18.53 6.13
N SER F 190 34.23 -19.34 6.65
CA SER F 190 35.65 -19.04 6.53
C SER F 190 36.08 -18.92 5.08
N SER F 191 35.42 -19.66 4.18
CA SER F 191 35.74 -19.59 2.76
C SER F 191 35.45 -18.22 2.16
N SER F 192 34.72 -17.35 2.85
CA SER F 192 34.37 -16.04 2.36
C SER F 192 35.31 -14.95 2.84
N LEU F 193 36.29 -15.28 3.69
CA LEU F 193 37.10 -14.26 4.33
C LEU F 193 37.93 -13.48 3.31
N GLY F 194 38.42 -14.15 2.28
CA GLY F 194 39.21 -13.49 1.26
C GLY F 194 38.46 -12.95 0.07
N THR F 195 37.17 -13.25 -0.04
CA THR F 195 36.39 -12.85 -1.20
C THR F 195 35.39 -11.73 -0.91
N GLN F 196 35.10 -11.43 0.35
CA GLN F 196 34.13 -10.42 0.70
C GLN F 196 34.76 -9.38 1.63
N THR F 197 34.33 -8.13 1.47
CA THR F 197 34.74 -7.05 2.35
C THR F 197 33.68 -6.88 3.44
N TYR F 198 34.12 -6.75 4.68
CA TYR F 198 33.23 -6.63 5.84
C TYR F 198 33.50 -5.29 6.51
N ILE F 199 32.47 -4.45 6.56
CA ILE F 199 32.57 -3.11 7.13
C ILE F 199 31.48 -2.96 8.19
N CYS F 200 31.89 -2.57 9.39
CA CYS F 200 30.93 -2.21 10.44
C CYS F 200 30.65 -0.72 10.36
N ASN F 201 29.37 -0.36 10.40
CA ASN F 201 28.93 1.03 10.35
C ASN F 201 28.47 1.42 11.76
N VAL F 202 29.26 2.27 12.42
CA VAL F 202 29.01 2.67 13.80
C VAL F 202 28.42 4.08 13.78
N ASN F 203 27.30 4.27 14.47
CA ASN F 203 26.64 5.56 14.58
C ASN F 203 26.44 5.89 16.04
N HIS F 204 26.97 7.03 16.46
CA HIS F 204 26.78 7.55 17.82
C HIS F 204 26.08 8.90 17.68
N LYS F 205 24.75 8.87 17.65
CA LYS F 205 23.97 10.09 17.43
C LYS F 205 24.26 11.21 18.42
N PRO F 206 24.40 10.97 19.74
CA PRO F 206 24.63 12.11 20.65
C PRO F 206 25.84 12.95 20.30
N SER F 207 26.87 12.37 19.68
CA SER F 207 28.06 13.11 19.28
C SER F 207 28.14 13.34 17.79
N ASN F 208 27.14 12.90 17.02
CA ASN F 208 27.14 13.00 15.56
C ASN F 208 28.40 12.36 14.96
N THR F 209 28.72 11.16 15.44
CA THR F 209 29.88 10.41 15.00
C THR F 209 29.43 9.22 14.18
N LYS F 210 29.79 9.20 12.90
CA LYS F 210 29.60 8.04 12.03
C LYS F 210 30.98 7.53 11.62
N VAL F 211 31.24 6.25 11.88
CA VAL F 211 32.51 5.63 11.55
C VAL F 211 32.25 4.34 10.79
N ASP F 212 32.88 4.19 9.64
CA ASP F 212 32.90 2.94 8.89
C ASP F 212 34.29 2.33 9.01
N LYS F 213 34.36 1.07 9.46
CA LYS F 213 35.63 0.42 9.71
C LYS F 213 35.67 -0.90 8.95
N LYS F 214 36.62 -1.00 8.01
CA LYS F 214 36.84 -2.25 7.30
C LYS F 214 37.62 -3.21 8.19
N VAL F 215 37.13 -4.44 8.30
CA VAL F 215 37.72 -5.46 9.17
C VAL F 215 38.47 -6.43 8.29
N GLU F 216 39.81 -6.44 8.41
CA GLU F 216 40.63 -7.25 7.54
C GLU F 216 41.05 -8.54 8.22
N PRO F 217 41.07 -9.65 7.49
CA PRO F 217 41.48 -10.92 8.09
C PRO F 217 42.97 -10.98 8.32
N LYS F 218 43.35 -11.85 9.26
CA LYS F 218 44.74 -12.18 9.54
C LYS F 218 45.19 -13.49 8.89
N SER F 219 46.48 -13.46 8.55
CA SER F 219 47.11 -14.61 7.88
C SER F 219 47.17 -15.82 8.79
N CYS F 220 47.27 -15.60 10.11
CA CYS F 220 47.32 -16.70 11.06
C CYS F 220 46.00 -17.47 11.03
#